data_6S58
#
_entry.id   6S58
#
_cell.length_a   73.231
_cell.length_b   102.733
_cell.length_c   121.197
_cell.angle_alpha   90.00
_cell.angle_beta   90.67
_cell.angle_gamma   90.00
#
_symmetry.space_group_name_H-M   'C 1 2 1'
#
loop_
_entity.id
_entity.type
_entity.pdbx_description
1 polymer 'Type II site-specific deoxyribonuclease'
2 non-polymer 'CALCIUM ION'
3 non-polymer 'UNKNOWN ATOM OR ION'
4 water water
#
_entity_poly.entity_id   1
_entity_poly.type   'polypeptide(L)'
_entity_poly.pdbx_seq_one_letter_code
;MGSKFIQNAAEIAKKAMDSVDPSLSEKFTIVIRFLTDNPDAASALKGKERSIVGTEEYIIASATNFKKGRDPRTPLPPST
IPDEMVSVILNKYFEVPSEELEKAEEWHRLSMGAENIVGDLLERYIAEVIEPHGWIWCSGSMVRAVDFIYCDSENVWQSL
QVKNRDNTENSSSAAIRHGTPIKKWFRTFSKKRGDNWDKFPSLEGKENLSEKGFKLYVEKYLSALRAIKALEHHHHHH
;
_entity_poly.pdbx_strand_id   A,B,C,D
#
# COMPACT_ATOMS: atom_id res chain seq x y z
N LYS A 4 -10.34 6.83 4.63
CA LYS A 4 -10.06 8.00 5.54
C LYS A 4 -10.69 7.85 6.93
N PHE A 5 -10.20 8.67 7.86
CA PHE A 5 -10.57 8.57 9.27
C PHE A 5 -11.74 9.47 9.69
N ILE A 6 -12.44 9.03 10.73
CA ILE A 6 -13.63 9.70 11.26
C ILE A 6 -13.30 11.02 11.96
N GLN A 7 -14.35 11.73 12.38
CA GLN A 7 -14.24 13.13 12.81
C GLN A 7 -13.57 13.30 14.17
N ASN A 8 -13.74 12.32 15.06
CA ASN A 8 -13.19 12.37 16.41
C ASN A 8 -12.23 11.21 16.70
N ALA A 9 -11.40 10.88 15.70
CA ALA A 9 -10.50 9.71 15.74
C ALA A 9 -9.65 9.62 17.03
N ALA A 10 -9.08 10.76 17.45
CA ALA A 10 -8.17 10.82 18.60
C ALA A 10 -8.84 10.46 19.92
N GLU A 11 -10.04 11.01 20.17
CA GLU A 11 -10.81 10.72 21.38
C GLU A 11 -11.26 9.25 21.46
N ILE A 12 -11.48 8.62 20.31
CA ILE A 12 -11.81 7.19 20.27
C ILE A 12 -10.59 6.40 20.76
N ALA A 13 -9.44 6.71 20.18
CA ALA A 13 -8.16 6.05 20.48
C ALA A 13 -7.80 6.09 21.96
N LYS A 14 -7.95 7.27 22.57
CA LYS A 14 -7.61 7.48 23.97
C LYS A 14 -8.37 6.51 24.89
N LYS A 15 -9.70 6.57 24.85
CA LYS A 15 -10.54 5.73 25.72
C LYS A 15 -10.42 4.23 25.42
N ALA A 16 -10.19 3.88 24.15
CA ALA A 16 -10.00 2.49 23.75
C ALA A 16 -8.82 1.89 24.47
N MET A 17 -7.67 2.57 24.37
CA MET A 17 -6.43 2.10 25.00
C MET A 17 -6.42 2.29 26.52
N ASP A 18 -7.23 3.19 27.06
CA ASP A 18 -7.39 3.31 28.52
C ASP A 18 -8.00 2.03 29.12
N SER A 19 -8.97 1.42 28.42
CA SER A 19 -9.50 0.10 28.80
C SER A 19 -8.46 -1.03 28.67
N VAL A 20 -7.66 -0.98 27.60
CA VAL A 20 -6.69 -2.04 27.26
C VAL A 20 -5.42 -1.97 28.12
N ASP A 21 -4.74 -0.82 28.07
CA ASP A 21 -3.45 -0.63 28.75
C ASP A 21 -3.15 0.87 28.80
N PRO A 22 -3.49 1.55 29.92
CA PRO A 22 -3.28 3.00 30.08
C PRO A 22 -1.87 3.53 29.78
N SER A 23 -0.84 2.70 29.99
CA SER A 23 0.55 3.10 29.69
C SER A 23 0.82 3.30 28.19
N LEU A 24 -0.01 2.71 27.32
CA LEU A 24 0.15 2.86 25.87
C LEU A 24 -0.72 3.94 25.23
N SER A 25 -1.62 4.55 26.00
CA SER A 25 -2.66 5.43 25.45
C SER A 25 -2.14 6.61 24.65
N GLU A 26 -1.16 7.32 25.23
CA GLU A 26 -0.57 8.49 24.58
C GLU A 26 0.07 8.09 23.24
N LYS A 27 0.96 7.11 23.30
CA LYS A 27 1.64 6.59 22.10
C LYS A 27 0.66 6.14 21.00
N PHE A 28 -0.37 5.42 21.40
CA PHE A 28 -1.41 4.91 20.46
C PHE A 28 -2.20 6.04 19.80
N THR A 29 -2.65 7.00 20.61
CA THR A 29 -3.33 8.22 20.14
C THR A 29 -2.54 8.93 19.04
N ILE A 30 -1.22 9.04 19.23
CA ILE A 30 -0.30 9.60 18.22
C ILE A 30 -0.22 8.74 16.96
N VAL A 31 -0.23 7.42 17.10
CA VAL A 31 -0.27 6.52 15.94
C VAL A 31 -1.55 6.77 15.11
N ILE A 32 -2.70 6.87 15.78
CA ILE A 32 -3.97 7.19 15.11
C ILE A 32 -3.90 8.54 14.39
N ARG A 33 -3.39 9.56 15.07
CA ARG A 33 -3.15 10.88 14.44
C ARG A 33 -2.26 10.81 13.21
N PHE A 34 -1.19 9.99 13.29
CA PHE A 34 -0.31 9.76 12.15
C PHE A 34 -1.05 9.15 10.96
N LEU A 35 -1.90 8.17 11.24
CA LEU A 35 -2.67 7.50 10.18
C LEU A 35 -3.82 8.37 9.63
N THR A 36 -4.37 9.26 10.47
CA THR A 36 -5.34 10.27 10.00
C THR A 36 -4.70 11.21 8.98
N ASP A 37 -3.50 11.71 9.27
CA ASP A 37 -2.75 12.56 8.33
C ASP A 37 -2.21 11.77 7.12
N ASN A 38 -1.84 10.50 7.34
CA ASN A 38 -1.24 9.66 6.29
C ASN A 38 -2.03 8.35 6.09
N PRO A 39 -3.25 8.44 5.51
CA PRO A 39 -4.19 7.29 5.39
C PRO A 39 -3.71 6.07 4.59
N ASP A 40 -2.78 6.26 3.65
CA ASP A 40 -2.23 5.16 2.84
C ASP A 40 -1.32 4.20 3.63
N ALA A 41 -0.90 4.60 4.83
CA ALA A 41 -0.19 3.73 5.78
C ALA A 41 -1.13 2.89 6.64
N ALA A 42 -2.42 3.26 6.69
CA ALA A 42 -3.42 2.46 7.40
C ALA A 42 -3.65 1.10 6.73
N SER A 43 -3.67 0.05 7.54
CA SER A 43 -3.84 -1.32 7.06
C SER A 43 -5.01 -1.98 7.78
N ALA A 44 -5.64 -2.95 7.13
CA ALA A 44 -6.67 -3.77 7.76
C ALA A 44 -5.97 -4.70 8.78
N LEU A 45 -6.65 -4.99 9.88
CA LEU A 45 -6.02 -5.74 10.99
C LEU A 45 -6.00 -7.22 10.65
N LYS A 46 -4.85 -7.87 10.82
CA LYS A 46 -4.71 -9.29 10.50
C LYS A 46 -5.50 -10.12 11.51
N GLY A 47 -6.34 -11.02 10.99
CA GLY A 47 -7.29 -11.79 11.80
C GLY A 47 -8.57 -11.07 12.22
N LYS A 48 -8.62 -9.75 12.03
CA LYS A 48 -9.73 -8.93 12.48
C LYS A 48 -10.09 -7.94 11.36
N GLU A 49 -10.25 -8.48 10.15
CA GLU A 49 -10.51 -7.68 8.94
C GLU A 49 -11.96 -7.24 8.83
N ARG A 50 -12.84 -7.85 9.64
CA ARG A 50 -14.25 -7.44 9.79
C ARG A 50 -14.47 -5.93 10.02
N SER A 51 -13.56 -5.30 10.77
CA SER A 51 -13.58 -3.85 10.99
C SER A 51 -12.87 -3.11 9.86
N ILE A 52 -13.54 -2.11 9.28
CA ILE A 52 -13.02 -1.37 8.12
C ILE A 52 -12.04 -0.28 8.59
N VAL A 53 -10.93 -0.15 7.86
CA VAL A 53 -9.89 0.87 8.15
C VAL A 53 -10.51 2.27 8.22
N GLY A 54 -10.41 2.90 9.38
CA GLY A 54 -10.88 4.27 9.61
C GLY A 54 -12.08 4.44 10.52
N THR A 55 -12.90 3.40 10.67
CA THR A 55 -14.10 3.46 11.53
C THR A 55 -13.73 3.38 13.00
N GLU A 56 -14.70 3.73 13.85
CA GLU A 56 -14.56 3.65 15.31
C GLU A 56 -14.27 2.23 15.78
N GLU A 57 -14.88 1.26 15.09
CA GLU A 57 -14.75 -0.16 15.41
C GLU A 57 -13.33 -0.66 15.12
N TYR A 58 -12.73 -0.12 14.06
CA TYR A 58 -11.33 -0.40 13.72
C TYR A 58 -10.36 0.21 14.72
N ILE A 59 -10.65 1.43 15.17
CA ILE A 59 -9.81 2.10 16.17
C ILE A 59 -9.77 1.28 17.48
N ILE A 60 -10.94 0.82 17.92
CA ILE A 60 -11.08 0.04 19.15
C ILE A 60 -10.40 -1.33 19.03
N ALA A 61 -10.55 -1.97 17.87
CA ALA A 61 -9.90 -3.25 17.59
C ALA A 61 -8.38 -3.08 17.45
N SER A 62 -7.96 -1.97 16.80
CA SER A 62 -6.54 -1.61 16.71
C SER A 62 -5.86 -1.46 18.08
N ALA A 63 -6.60 -1.02 19.09
CA ALA A 63 -6.07 -0.84 20.44
C ALA A 63 -5.61 -2.17 21.05
N THR A 64 -6.46 -3.18 20.95
CA THR A 64 -6.10 -4.53 21.40
C THR A 64 -4.95 -5.11 20.58
N ASN A 65 -5.04 -4.96 19.26
CA ASN A 65 -3.99 -5.38 18.33
C ASN A 65 -2.64 -4.75 18.66
N PHE A 66 -2.65 -3.44 18.89
CA PHE A 66 -1.43 -2.65 19.16
C PHE A 66 -0.73 -3.14 20.43
N LYS A 67 -1.52 -3.41 21.48
CA LYS A 67 -1.03 -4.00 22.73
C LYS A 67 -0.58 -5.45 22.54
N LYS A 68 -1.42 -6.28 21.92
CA LYS A 68 -1.05 -7.68 21.60
C LYS A 68 0.33 -7.78 20.99
N GLY A 69 0.57 -6.97 19.97
CA GLY A 69 1.88 -6.88 19.30
C GLY A 69 3.08 -6.76 20.23
N ARG A 70 2.88 -6.13 21.39
CA ARG A 70 3.93 -5.92 22.37
C ARG A 70 4.11 -7.03 23.41
N ASP A 71 3.16 -7.95 23.52
CA ASP A 71 3.33 -9.13 24.38
C ASP A 71 4.54 -9.94 23.88
N PRO A 72 5.30 -10.58 24.79
CA PRO A 72 6.42 -11.40 24.31
C PRO A 72 5.99 -12.56 23.40
N ARG A 73 6.69 -12.75 22.28
CA ARG A 73 6.53 -13.95 21.45
C ARG A 73 7.50 -15.01 21.94
N THR A 74 7.03 -16.26 21.98
CA THR A 74 7.93 -17.38 22.19
C THR A 74 8.45 -17.84 20.81
N PRO A 75 9.79 -18.11 20.71
CA PRO A 75 10.35 -18.78 19.53
C PRO A 75 9.65 -20.12 19.31
N LEU A 76 9.05 -20.28 18.13
CA LEU A 76 8.19 -21.41 17.83
C LEU A 76 8.69 -22.14 16.57
N PRO A 77 9.13 -23.41 16.71
CA PRO A 77 9.38 -24.19 15.50
C PRO A 77 8.05 -24.55 14.85
N PRO A 78 7.96 -24.51 13.50
CA PRO A 78 6.67 -24.79 12.87
C PRO A 78 6.10 -26.16 13.23
N SER A 79 4.77 -26.27 13.22
CA SER A 79 4.10 -27.53 13.50
C SER A 79 4.00 -28.44 12.25
N THR A 80 4.47 -27.95 11.09
CA THR A 80 4.57 -28.78 9.89
C THR A 80 5.39 -30.05 10.15
N ILE A 81 4.72 -31.21 10.02
CA ILE A 81 5.41 -32.49 10.13
C ILE A 81 6.48 -32.54 9.02
N PRO A 82 7.73 -32.87 9.38
CA PRO A 82 8.78 -32.93 8.36
C PRO A 82 8.63 -34.10 7.37
N ASP A 83 9.17 -33.90 6.18
CA ASP A 83 9.20 -34.92 5.13
C ASP A 83 10.26 -35.96 5.48
N GLU A 84 9.88 -37.23 5.45
CA GLU A 84 10.85 -38.31 5.71
C GLU A 84 11.91 -38.43 4.62
N MET A 85 11.57 -38.02 3.40
CA MET A 85 12.52 -38.04 2.29
C MET A 85 13.66 -37.03 2.45
N VAL A 86 13.44 -35.96 3.23
CA VAL A 86 14.51 -35.04 3.61
C VAL A 86 15.60 -35.83 4.36
N SER A 87 15.19 -36.67 5.31
CA SER A 87 16.13 -37.48 6.06
C SER A 87 16.83 -38.53 5.18
N VAL A 88 16.12 -39.07 4.21
CA VAL A 88 16.71 -40.01 3.25
C VAL A 88 17.85 -39.34 2.47
N ILE A 89 17.65 -38.09 2.06
CA ILE A 89 18.68 -37.31 1.36
C ILE A 89 19.87 -36.95 2.27
N LEU A 90 19.60 -36.58 3.52
CA LEU A 90 20.68 -36.28 4.48
C LEU A 90 21.55 -37.50 4.75
N ASN A 91 20.89 -38.65 4.89
CA ASN A 91 21.56 -39.92 5.13
C ASN A 91 22.30 -40.41 3.88
N LYS A 92 21.57 -40.53 2.77
CA LYS A 92 22.07 -41.19 1.54
C LYS A 92 22.94 -40.33 0.61
N TYR A 93 22.78 -39.00 0.61
CA TYR A 93 23.70 -38.14 -0.17
C TYR A 93 24.71 -37.42 0.72
N PHE A 94 24.21 -36.70 1.72
CA PHE A 94 25.07 -35.86 2.58
C PHE A 94 25.82 -36.61 3.69
N GLU A 95 25.54 -37.90 3.87
CA GLU A 95 26.31 -38.74 4.79
C GLU A 95 26.18 -38.26 6.25
N VAL A 96 24.97 -37.82 6.60
CA VAL A 96 24.60 -37.49 7.98
C VAL A 96 24.28 -38.83 8.63
N PRO A 97 24.94 -39.15 9.77
CA PRO A 97 24.73 -40.47 10.38
C PRO A 97 23.26 -40.75 10.71
N SER A 98 22.84 -41.99 10.48
CA SER A 98 21.43 -42.39 10.52
C SER A 98 20.75 -42.16 11.89
N GLU A 99 21.52 -42.39 12.96
CA GLU A 99 21.09 -42.17 14.33
C GLU A 99 20.96 -40.70 14.76
N GLU A 100 21.50 -39.76 13.99
CA GLU A 100 21.36 -38.33 14.26
C GLU A 100 20.34 -37.64 13.36
N LEU A 101 19.59 -38.40 12.59
CA LEU A 101 18.65 -37.87 11.60
C LEU A 101 17.48 -37.17 12.30
N GLU A 102 17.00 -37.77 13.37
CA GLU A 102 15.93 -37.18 14.21
C GLU A 102 16.38 -35.85 14.83
N LYS A 103 17.60 -35.80 15.32
CA LYS A 103 18.20 -34.58 15.86
C LYS A 103 18.28 -33.48 14.78
N ALA A 104 18.83 -33.82 13.62
CA ALA A 104 18.94 -32.88 12.49
C ALA A 104 17.57 -32.31 12.07
N GLU A 105 16.58 -33.18 12.10
CA GLU A 105 15.20 -32.83 11.80
C GLU A 105 14.66 -31.79 12.79
N GLU A 106 14.98 -31.96 14.08
CA GLU A 106 14.52 -31.04 15.11
C GLU A 106 15.24 -29.70 15.07
N TRP A 107 16.56 -29.72 15.00
CA TRP A 107 17.35 -28.51 14.86
C TRP A 107 17.00 -27.70 13.59
N HIS A 108 16.65 -28.40 12.50
CA HIS A 108 16.13 -27.72 11.29
C HIS A 108 14.89 -26.89 11.66
N ARG A 109 13.92 -27.54 12.30
CA ARG A 109 12.71 -26.90 12.79
C ARG A 109 12.97 -25.78 13.81
N LEU A 110 13.89 -26.00 14.75
CA LEU A 110 14.26 -24.92 15.68
C LEU A 110 14.89 -23.76 14.92
N SER A 111 15.78 -24.07 13.98
CA SER A 111 16.40 -23.03 13.13
C SER A 111 15.39 -22.21 12.32
N MET A 112 14.31 -22.83 11.85
CA MET A 112 13.21 -22.10 11.17
C MET A 112 12.38 -21.27 12.16
N GLY A 113 12.24 -21.76 13.38
CA GLY A 113 11.62 -21.02 14.47
C GLY A 113 12.44 -19.83 14.91
N ALA A 114 13.76 -20.03 15.06
CA ALA A 114 14.68 -18.92 15.31
C ALA A 114 14.52 -17.85 14.24
N GLU A 115 14.67 -18.24 12.97
CA GLU A 115 14.52 -17.33 11.80
C GLU A 115 13.23 -16.48 11.83
N ASN A 116 12.10 -17.11 12.14
CA ASN A 116 10.78 -16.44 12.07
C ASN A 116 10.48 -15.48 13.24
N ILE A 117 11.32 -15.45 14.28
CA ILE A 117 11.16 -14.47 15.36
C ILE A 117 12.24 -13.35 15.36
N VAL A 118 13.33 -13.50 14.59
CA VAL A 118 14.45 -12.55 14.63
C VAL A 118 14.02 -11.17 14.16
N GLY A 119 13.15 -11.13 13.15
CA GLY A 119 12.58 -9.87 12.66
C GLY A 119 11.82 -9.15 13.75
N ASP A 120 11.05 -9.89 14.53
CA ASP A 120 10.27 -9.29 15.59
C ASP A 120 11.13 -8.75 16.74
N LEU A 121 12.15 -9.53 17.13
CA LEU A 121 13.10 -9.14 18.18
C LEU A 121 13.90 -7.89 17.80
N LEU A 122 14.29 -7.78 16.53
CA LEU A 122 14.91 -6.56 15.96
C LEU A 122 14.06 -5.31 16.22
N GLU A 123 12.75 -5.40 16.03
CA GLU A 123 11.85 -4.27 16.30
C GLU A 123 11.82 -3.95 17.79
N ARG A 124 11.82 -5.00 18.61
CA ARG A 124 11.75 -4.84 20.06
C ARG A 124 13.00 -4.17 20.58
N TYR A 125 14.16 -4.66 20.14
CA TYR A 125 15.44 -4.03 20.50
C TYR A 125 15.43 -2.53 20.18
N ILE A 126 15.11 -2.21 18.93
CA ILE A 126 15.06 -0.83 18.46
C ILE A 126 14.04 -0.03 19.28
N ALA A 127 12.88 -0.62 19.58
CA ALA A 127 11.86 0.10 20.35
C ALA A 127 12.34 0.47 21.76
N GLU A 128 12.99 -0.48 22.45
CA GLU A 128 13.53 -0.24 23.82
C GLU A 128 14.52 0.94 23.83
N VAL A 129 15.33 1.06 22.78
CA VAL A 129 16.31 2.14 22.65
C VAL A 129 15.69 3.48 22.30
N ILE A 130 14.80 3.52 21.30
CA ILE A 130 14.29 4.79 20.74
C ILE A 130 12.94 5.32 21.28
N GLU A 131 12.13 4.48 21.93
CA GLU A 131 10.90 4.95 22.59
C GLU A 131 11.11 5.92 23.78
N PRO A 132 12.20 5.76 24.57
CA PRO A 132 12.53 6.79 25.56
C PRO A 132 12.60 8.22 25.01
N HIS A 133 13.09 8.36 23.78
CA HIS A 133 13.27 9.66 23.11
C HIS A 133 12.05 10.17 22.31
N GLY A 134 10.93 9.46 22.34
CA GLY A 134 9.68 9.92 21.73
C GLY A 134 9.24 9.20 20.46
N TRP A 135 10.11 8.36 19.87
CA TRP A 135 9.71 7.51 18.76
C TRP A 135 8.70 6.47 19.25
N ILE A 136 7.85 6.00 18.32
CA ILE A 136 6.81 5.01 18.66
C ILE A 136 6.90 3.79 17.74
N TRP A 137 7.15 2.64 18.36
CA TRP A 137 7.10 1.36 17.67
C TRP A 137 5.64 1.07 17.34
N CYS A 138 5.38 0.89 16.04
CA CYS A 138 4.05 0.59 15.53
C CYS A 138 3.84 -0.93 15.58
N SER A 139 3.44 -1.40 16.75
CA SER A 139 3.31 -2.82 17.05
C SER A 139 1.96 -3.34 16.57
N GLY A 140 1.92 -4.62 16.22
CA GLY A 140 0.77 -5.22 15.57
C GLY A 140 0.80 -4.89 14.10
N SER A 141 -0.36 -4.88 13.44
CA SER A 141 -0.47 -4.80 11.99
C SER A 141 -1.28 -3.60 11.46
N MET A 142 -1.74 -2.70 12.33
CA MET A 142 -2.55 -1.55 11.89
C MET A 142 -1.81 -0.55 11.00
N VAL A 143 -0.46 -0.57 10.99
CA VAL A 143 0.35 0.31 10.12
C VAL A 143 1.09 -0.53 9.08
N ARG A 144 0.92 -0.16 7.81
CA ARG A 144 1.61 -0.78 6.67
C ARG A 144 2.88 0.01 6.35
N ALA A 145 3.96 -0.71 6.06
CA ALA A 145 5.23 -0.13 5.55
C ALA A 145 6.10 0.55 6.61
N VAL A 146 5.48 1.25 7.55
CA VAL A 146 6.18 1.97 8.59
C VAL A 146 6.22 1.13 9.87
N ASP A 147 7.42 0.98 10.44
CA ASP A 147 7.58 0.29 11.72
C ASP A 147 7.68 1.24 12.90
N PHE A 148 8.18 2.46 12.69
CA PHE A 148 8.32 3.44 13.76
C PHE A 148 7.94 4.84 13.27
N ILE A 149 7.37 5.66 14.16
CA ILE A 149 6.97 7.02 13.84
C ILE A 149 7.45 7.99 14.91
N TYR A 150 7.59 9.27 14.53
CA TYR A 150 8.00 10.32 15.45
C TYR A 150 7.51 11.68 14.96
N CYS A 151 6.78 12.40 15.81
CA CYS A 151 6.46 13.80 15.54
C CYS A 151 7.61 14.62 16.12
N ASP A 152 8.46 15.14 15.24
CA ASP A 152 9.73 15.75 15.66
C ASP A 152 9.56 17.14 16.28
N SER A 153 10.66 17.73 16.72
CA SER A 153 10.64 19.08 17.34
C SER A 153 10.06 20.19 16.45
N GLU A 154 10.04 19.99 15.13
CA GLU A 154 9.39 20.89 14.15
C GLU A 154 7.93 20.47 13.80
N ASN A 155 7.36 19.56 14.59
CA ASN A 155 6.03 18.96 14.33
C ASN A 155 5.86 18.39 12.92
N VAL A 156 6.91 17.73 12.45
CA VAL A 156 6.89 17.01 11.19
C VAL A 156 6.97 15.52 11.54
N TRP A 157 6.12 14.73 10.88
CA TRP A 157 6.13 13.28 11.05
C TRP A 157 7.39 12.65 10.40
N GLN A 158 8.19 11.96 11.22
CA GLN A 158 9.25 11.09 10.74
C GLN A 158 8.73 9.66 10.82
N SER A 159 9.27 8.79 9.96
CA SER A 159 8.79 7.41 9.86
C SER A 159 9.90 6.50 9.38
N LEU A 160 9.91 5.27 9.91
CA LEU A 160 11.04 4.36 9.73
C LEU A 160 10.55 2.94 9.47
N GLN A 161 11.13 2.29 8.45
CA GLN A 161 10.91 0.88 8.16
C GLN A 161 12.21 0.14 8.41
N VAL A 162 12.16 -0.97 9.14
CA VAL A 162 13.31 -1.88 9.24
C VAL A 162 12.99 -3.26 8.65
N LYS A 163 13.97 -3.84 7.95
CA LYS A 163 13.99 -5.27 7.60
C LYS A 163 15.21 -5.94 8.27
N ASN A 164 15.13 -7.24 8.49
CA ASN A 164 16.28 -7.99 9.01
C ASN A 164 17.35 -8.15 7.93
N ARG A 165 16.91 -8.47 6.72
CA ARG A 165 17.82 -8.74 5.59
C ARG A 165 17.44 -7.86 4.39
N ASP A 166 18.41 -7.58 3.51
CA ASP A 166 18.15 -6.81 2.28
C ASP A 166 17.24 -7.54 1.27
N ASN A 167 17.25 -8.86 1.30
CA ASN A 167 16.32 -9.69 0.52
C ASN A 167 15.11 -10.22 1.33
N THR A 168 14.77 -9.54 2.42
CA THR A 168 13.61 -9.93 3.26
C THR A 168 12.34 -9.81 2.42
N GLU A 169 11.45 -10.77 2.61
CA GLU A 169 10.36 -11.04 1.65
C GLU A 169 9.33 -9.92 1.62
N ASN A 170 8.75 -9.61 2.79
CA ASN A 170 7.66 -8.62 2.86
C ASN A 170 8.16 -7.16 2.73
N SER A 171 8.45 -6.77 1.49
CA SER A 171 8.71 -5.37 1.17
C SER A 171 7.38 -4.62 1.08
N SER A 172 7.41 -3.36 1.49
CA SER A 172 6.22 -2.53 1.49
C SER A 172 6.54 -1.04 1.46
N SER A 173 5.63 -0.29 0.87
CA SER A 173 5.75 1.16 0.73
C SER A 173 4.37 1.77 0.87
N ALA A 174 4.31 2.93 1.53
CA ALA A 174 3.08 3.71 1.64
C ALA A 174 3.38 5.19 1.39
N ALA A 175 2.41 5.89 0.80
CA ALA A 175 2.56 7.29 0.46
C ALA A 175 2.42 8.16 1.70
N ILE A 176 3.28 9.17 1.80
CA ILE A 176 3.27 10.13 2.91
C ILE A 176 2.69 11.45 2.40
N ARG A 177 1.51 11.79 2.91
CA ARG A 177 0.84 13.04 2.55
C ARG A 177 1.53 14.18 3.31
N HIS A 178 1.68 14.01 4.63
CA HIS A 178 2.38 14.98 5.50
C HIS A 178 3.54 14.32 6.27
N GLY A 179 4.77 14.67 5.90
CA GLY A 179 5.98 14.17 6.55
C GLY A 179 7.12 14.00 5.56
N THR A 180 8.29 13.61 6.05
CA THR A 180 9.43 13.28 5.19
C THR A 180 9.23 11.87 4.61
N PRO A 181 9.99 11.51 3.55
CA PRO A 181 9.96 10.12 3.07
C PRO A 181 10.25 9.08 4.16
N ILE A 182 9.69 7.88 4.01
CA ILE A 182 9.96 6.79 4.93
C ILE A 182 11.43 6.40 4.83
N LYS A 183 12.14 6.43 5.97
CA LYS A 183 13.51 5.94 6.05
C LYS A 183 13.46 4.41 6.05
N LYS A 184 14.19 3.80 5.12
CA LYS A 184 14.28 2.33 5.02
C LYS A 184 15.68 1.87 5.40
N TRP A 185 15.75 0.83 6.23
CA TRP A 185 17.03 0.27 6.67
C TRP A 185 16.94 -1.26 6.80
N PHE A 186 18.01 -1.98 6.47
CA PHE A 186 18.10 -3.43 6.69
C PHE A 186 19.29 -3.77 7.57
N ARG A 187 19.15 -4.76 8.45
CA ARG A 187 20.23 -5.16 9.37
C ARG A 187 21.38 -5.89 8.69
N THR A 188 21.06 -6.94 7.94
CA THR A 188 22.06 -7.87 7.40
C THR A 188 21.99 -8.01 5.88
N PHE A 189 23.08 -8.51 5.30
CA PHE A 189 23.20 -8.73 3.86
C PHE A 189 22.98 -10.21 3.52
N SER A 190 22.27 -10.46 2.42
CA SER A 190 22.13 -11.80 1.86
C SER A 190 23.34 -12.17 0.99
N LYS A 191 23.94 -11.17 0.35
CA LYS A 191 25.14 -11.37 -0.47
C LYS A 191 26.42 -11.69 0.32
N LYS A 192 26.53 -11.16 1.55
CA LYS A 192 27.78 -11.28 2.32
C LYS A 192 27.59 -11.26 3.85
N ARG A 193 28.68 -11.55 4.55
CA ARG A 193 28.72 -11.47 6.01
C ARG A 193 28.76 -10.02 6.47
N GLY A 194 28.60 -9.80 7.78
CA GLY A 194 28.62 -8.47 8.37
C GLY A 194 27.23 -7.87 8.54
N ASP A 195 27.20 -6.67 9.12
CA ASP A 195 25.96 -5.98 9.46
C ASP A 195 25.95 -4.56 8.88
N ASN A 196 24.82 -3.86 9.03
CA ASN A 196 24.60 -2.57 8.39
C ASN A 196 24.20 -1.49 9.39
N TRP A 197 24.59 -1.65 10.66
CA TRP A 197 24.23 -0.70 11.71
C TRP A 197 24.88 0.68 11.50
N ASP A 198 26.07 0.71 10.89
CA ASP A 198 26.75 1.97 10.52
C ASP A 198 25.84 2.98 9.80
N LYS A 199 25.02 2.48 8.88
CA LYS A 199 24.14 3.32 8.06
C LYS A 199 22.71 3.38 8.58
N PHE A 200 22.51 3.12 9.88
CA PHE A 200 21.19 3.26 10.49
C PHE A 200 20.83 4.75 10.47
N PRO A 201 19.62 5.11 9.97
CA PRO A 201 19.28 6.53 9.80
C PRO A 201 19.47 7.38 11.05
N SER A 202 19.89 8.62 10.86
CA SER A 202 20.11 9.55 11.97
C SER A 202 18.82 9.89 12.70
N LEU A 203 18.86 9.77 14.02
CA LEU A 203 17.76 10.15 14.92
C LEU A 203 18.26 10.06 16.34
N GLU A 204 17.64 10.82 17.25
CA GLU A 204 18.08 10.89 18.65
C GLU A 204 18.14 9.49 19.28
N GLY A 205 19.32 9.12 19.78
CA GLY A 205 19.57 7.79 20.34
C GLY A 205 20.31 6.82 19.40
N LYS A 206 20.51 7.21 18.15
CA LYS A 206 21.15 6.37 17.11
C LYS A 206 22.49 5.73 17.55
N GLU A 207 23.31 6.50 18.25
CA GLU A 207 24.63 6.03 18.73
C GLU A 207 24.56 4.77 19.61
N ASN A 208 23.43 4.59 20.32
CA ASN A 208 23.20 3.39 21.14
C ASN A 208 23.07 2.11 20.31
N LEU A 209 22.50 2.23 19.11
CA LEU A 209 22.12 1.05 18.30
C LEU A 209 23.30 0.36 17.61
N SER A 210 23.43 -0.95 17.83
CA SER A 210 24.49 -1.76 17.19
C SER A 210 24.16 -3.25 17.23
N GLU A 211 25.00 -4.05 16.57
CA GLU A 211 24.86 -5.50 16.55
C GLU A 211 25.13 -6.12 17.92
N LYS A 212 26.09 -5.55 18.65
CA LYS A 212 26.33 -5.95 20.05
C LYS A 212 25.11 -5.64 20.89
N GLY A 213 24.58 -4.43 20.77
CA GLY A 213 23.36 -4.04 21.45
C GLY A 213 22.22 -5.03 21.18
N PHE A 214 22.04 -5.39 19.92
CA PHE A 214 20.98 -6.31 19.49
C PHE A 214 21.22 -7.71 20.04
N LYS A 215 22.48 -8.15 20.02
CA LYS A 215 22.85 -9.44 20.60
C LYS A 215 22.60 -9.48 22.11
N LEU A 216 22.92 -8.40 22.80
CA LEU A 216 22.64 -8.29 24.24
C LEU A 216 21.13 -8.23 24.53
N TYR A 217 20.37 -7.48 23.72
CA TYR A 217 18.91 -7.47 23.88
C TYR A 217 18.32 -8.88 23.76
N VAL A 218 18.77 -9.63 22.76
CA VAL A 218 18.26 -11.00 22.52
C VAL A 218 18.61 -11.99 23.64
N GLU A 219 19.83 -11.93 24.16
CA GLU A 219 20.22 -12.76 25.32
C GLU A 219 19.32 -12.46 26.54
N LYS A 220 19.10 -11.16 26.78
CA LYS A 220 18.23 -10.69 27.87
C LYS A 220 16.76 -11.12 27.67
N TYR A 221 16.24 -10.95 26.45
CA TYR A 221 14.84 -11.30 26.15
C TYR A 221 14.56 -12.80 26.25
N LEU A 222 15.49 -13.62 25.77
CA LEU A 222 15.33 -15.08 25.84
C LEU A 222 15.58 -15.63 27.26
N SER A 223 16.54 -15.05 27.98
CA SER A 223 16.75 -15.38 29.40
C SER A 223 15.52 -15.10 30.25
N ALA A 224 14.96 -13.90 30.09
CA ALA A 224 13.72 -13.52 30.78
C ALA A 224 12.60 -14.49 30.45
N LEU A 225 12.43 -14.76 29.15
CA LEU A 225 11.37 -15.65 28.67
C LEU A 225 11.52 -17.10 29.15
N ARG A 226 12.75 -17.62 29.19
CA ARG A 226 13.02 -18.95 29.76
C ARG A 226 12.59 -19.02 31.21
N ALA A 227 12.99 -18.01 31.99
CA ALA A 227 12.58 -17.86 33.39
C ALA A 227 11.05 -17.78 33.57
N ILE A 228 10.35 -17.15 32.62
CA ILE A 228 8.88 -17.08 32.64
C ILE A 228 8.25 -18.47 32.45
N LYS A 229 8.74 -19.24 31.47
CA LYS A 229 8.23 -20.59 31.24
C LYS A 229 8.62 -21.60 32.33
N ALA A 230 9.69 -21.32 33.07
CA ALA A 230 10.02 -22.08 34.28
C ALA A 230 8.97 -21.88 35.38
N LEU A 231 8.49 -20.64 35.52
CA LEU A 231 7.45 -20.32 36.50
C LEU A 231 6.06 -20.87 36.12
N GLU A 232 5.84 -21.12 34.83
CA GLU A 232 4.60 -21.74 34.34
C GLU A 232 4.46 -23.20 34.84
N HIS A 233 5.55 -23.95 34.81
CA HIS A 233 5.55 -25.35 35.28
C HIS A 233 5.39 -25.48 36.80
N HIS A 234 5.89 -24.51 37.55
CA HIS A 234 5.65 -24.43 39.00
C HIS A 234 4.21 -24.04 39.35
N HIS A 235 3.61 -23.13 38.56
CA HIS A 235 2.17 -22.78 38.68
C HIS A 235 1.24 -23.73 37.89
N HIS A 236 1.84 -24.61 37.08
CA HIS A 236 1.14 -25.62 36.27
C HIS A 236 0.25 -25.01 35.18
N ASN B 8 2.81 -23.99 -38.59
CA ASN B 8 3.60 -25.26 -38.42
C ASN B 8 4.49 -25.24 -37.17
N ALA B 9 3.88 -25.04 -36.01
CA ALA B 9 4.60 -24.99 -34.73
C ALA B 9 5.13 -26.37 -34.32
N ALA B 10 4.42 -27.43 -34.71
CA ALA B 10 4.86 -28.80 -34.48
C ALA B 10 6.17 -29.13 -35.22
N GLU B 11 6.25 -28.71 -36.49
CA GLU B 11 7.47 -28.92 -37.28
C GLU B 11 8.63 -28.05 -36.80
N ILE B 12 8.33 -26.82 -36.39
CA ILE B 12 9.32 -25.92 -35.77
C ILE B 12 9.81 -26.50 -34.44
N ALA B 13 8.89 -27.07 -33.68
CA ALA B 13 9.22 -27.74 -32.42
C ALA B 13 10.08 -28.98 -32.61
N LYS B 14 9.77 -29.75 -33.66
CA LYS B 14 10.57 -30.92 -34.05
C LYS B 14 12.02 -30.52 -34.36
N LYS B 15 12.19 -29.51 -35.22
CA LYS B 15 13.52 -29.08 -35.68
C LYS B 15 14.37 -28.51 -34.55
N ALA B 16 13.76 -27.63 -33.75
CA ALA B 16 14.42 -27.06 -32.59
C ALA B 16 14.98 -28.15 -31.69
N MET B 17 14.16 -29.15 -31.37
CA MET B 17 14.58 -30.20 -30.44
C MET B 17 15.55 -31.20 -31.09
N ASP B 18 15.47 -31.40 -32.41
CA ASP B 18 16.51 -32.16 -33.12
C ASP B 18 17.89 -31.51 -32.96
N SER B 19 17.92 -30.18 -32.88
CA SER B 19 19.17 -29.45 -32.64
C SER B 19 19.73 -29.67 -31.22
N VAL B 20 18.85 -29.68 -30.23
CA VAL B 20 19.22 -29.74 -28.82
C VAL B 20 19.36 -31.18 -28.34
N ASP B 21 18.31 -31.99 -28.49
CA ASP B 21 18.37 -33.40 -28.10
C ASP B 21 17.28 -34.20 -28.82
N PRO B 22 17.66 -34.91 -29.91
CA PRO B 22 16.70 -35.71 -30.68
C PRO B 22 15.91 -36.78 -29.91
N SER B 23 16.44 -37.27 -28.77
CA SER B 23 15.71 -38.26 -27.94
C SER B 23 14.43 -37.68 -27.30
N LEU B 24 14.33 -36.36 -27.21
CA LEU B 24 13.15 -35.68 -26.64
C LEU B 24 12.23 -35.04 -27.67
N SER B 25 12.57 -35.14 -28.95
CA SER B 25 11.83 -34.45 -30.02
C SER B 25 10.37 -34.87 -30.13
N GLU B 26 10.09 -36.15 -29.86
CA GLU B 26 8.73 -36.67 -29.92
C GLU B 26 7.89 -36.13 -28.76
N LYS B 27 8.43 -36.23 -27.54
CA LYS B 27 7.77 -35.72 -26.32
C LYS B 27 7.56 -34.20 -26.31
N PHE B 28 8.59 -33.46 -26.72
CA PHE B 28 8.53 -32.00 -26.79
C PHE B 28 7.49 -31.50 -27.81
N THR B 29 7.38 -32.17 -28.95
CA THR B 29 6.41 -31.83 -30.00
C THR B 29 4.98 -31.95 -29.47
N ILE B 30 4.72 -33.04 -28.74
CA ILE B 30 3.40 -33.28 -28.13
C ILE B 30 3.08 -32.23 -27.05
N VAL B 31 4.10 -31.77 -26.31
CA VAL B 31 3.95 -30.67 -25.35
C VAL B 31 3.64 -29.34 -26.05
N ILE B 32 4.30 -29.09 -27.18
CA ILE B 32 4.01 -27.90 -27.98
C ILE B 32 2.58 -27.96 -28.55
N ARG B 33 2.12 -29.14 -28.94
CA ARG B 33 0.70 -29.33 -29.33
C ARG B 33 -0.26 -29.00 -28.18
N PHE B 34 0.10 -29.43 -26.96
CA PHE B 34 -0.68 -29.15 -25.75
C PHE B 34 -0.81 -27.65 -25.44
N LEU B 35 0.28 -26.90 -25.61
CA LEU B 35 0.26 -25.44 -25.35
C LEU B 35 -0.38 -24.63 -26.47
N THR B 36 -0.46 -25.21 -27.67
CA THR B 36 -1.18 -24.62 -28.80
C THR B 36 -2.69 -24.68 -28.57
N ASP B 37 -3.14 -25.72 -27.86
CA ASP B 37 -4.54 -25.88 -27.47
C ASP B 37 -4.88 -25.20 -26.14
N ASN B 38 -3.86 -24.95 -25.30
CA ASN B 38 -4.06 -24.41 -23.96
C ASN B 38 -3.00 -23.34 -23.61
N PRO B 39 -2.99 -22.21 -24.34
CA PRO B 39 -1.91 -21.21 -24.24
C PRO B 39 -1.72 -20.50 -22.88
N ASP B 40 -2.68 -20.58 -21.96
CA ASP B 40 -2.50 -19.96 -20.62
C ASP B 40 -1.48 -20.72 -19.74
N ALA B 41 -1.26 -22.00 -20.04
CA ALA B 41 -0.22 -22.80 -19.41
C ALA B 41 1.20 -22.47 -19.90
N ALA B 42 1.33 -21.78 -21.04
CA ALA B 42 2.63 -21.33 -21.52
C ALA B 42 3.24 -20.31 -20.57
N SER B 43 4.46 -20.59 -20.09
CA SER B 43 5.16 -19.70 -19.18
C SER B 43 5.98 -18.67 -19.93
N THR B 55 5.39 -17.42 -31.70
CA THR B 55 6.53 -17.21 -32.59
C THR B 55 7.53 -18.37 -32.53
N GLU B 56 8.41 -18.41 -33.52
CA GLU B 56 9.42 -19.47 -33.66
C GLU B 56 10.49 -19.43 -32.57
N GLU B 57 10.84 -18.23 -32.09
CA GLU B 57 11.95 -18.05 -31.15
C GLU B 57 11.63 -18.59 -29.75
N TYR B 58 10.38 -18.42 -29.33
CA TYR B 58 9.88 -19.03 -28.10
C TYR B 58 10.10 -20.55 -28.05
N ILE B 59 9.81 -21.22 -29.16
CA ILE B 59 9.87 -22.69 -29.24
C ILE B 59 11.33 -23.21 -29.24
N ILE B 60 12.24 -22.45 -29.86
CA ILE B 60 13.68 -22.78 -29.80
C ILE B 60 14.18 -22.64 -28.36
N ALA B 61 13.83 -21.55 -27.69
CA ALA B 61 14.21 -21.32 -26.29
C ALA B 61 13.70 -22.43 -25.36
N SER B 62 12.39 -22.72 -25.47
CA SER B 62 11.72 -23.82 -24.76
C SER B 62 12.43 -25.18 -24.85
N ALA B 63 12.91 -25.51 -26.04
CA ALA B 63 13.56 -26.81 -26.27
C ALA B 63 14.76 -27.02 -25.36
N THR B 64 15.54 -25.98 -25.15
CA THR B 64 16.66 -25.98 -24.22
C THR B 64 16.19 -26.10 -22.76
N ASN B 65 15.19 -25.31 -22.39
CA ASN B 65 14.57 -25.34 -21.05
C ASN B 65 14.10 -26.75 -20.67
N PHE B 66 13.32 -27.36 -21.57
CA PHE B 66 12.74 -28.71 -21.40
C PHE B 66 13.81 -29.78 -21.24
N LYS B 67 14.84 -29.68 -22.07
CA LYS B 67 15.98 -30.61 -22.02
C LYS B 67 16.76 -30.42 -20.71
N LYS B 68 17.00 -29.17 -20.35
CA LYS B 68 17.72 -28.84 -19.10
C LYS B 68 17.08 -29.48 -17.87
N GLY B 69 15.75 -29.38 -17.78
CA GLY B 69 14.98 -30.03 -16.71
C GLY B 69 15.17 -31.54 -16.54
N ARG B 70 15.63 -32.21 -17.60
CA ARG B 70 15.97 -33.64 -17.54
C ARG B 70 17.40 -33.94 -17.09
N ASP B 71 18.28 -32.95 -17.04
CA ASP B 71 19.65 -33.15 -16.51
C ASP B 71 19.56 -33.57 -15.04
N PRO B 72 20.28 -34.64 -14.64
CA PRO B 72 20.45 -34.93 -13.20
C PRO B 72 20.89 -33.71 -12.40
N ARG B 73 20.16 -33.42 -11.34
CA ARG B 73 20.39 -32.24 -10.52
C ARG B 73 20.95 -32.70 -9.18
N THR B 74 22.01 -32.03 -8.74
CA THR B 74 22.68 -32.37 -7.47
C THR B 74 21.94 -31.67 -6.30
N PRO B 75 21.80 -32.35 -5.14
CA PRO B 75 21.30 -31.63 -3.95
C PRO B 75 22.35 -30.64 -3.47
N LEU B 76 21.95 -29.37 -3.39
CA LEU B 76 22.85 -28.26 -3.03
C LEU B 76 22.29 -27.50 -1.84
N PRO B 77 23.08 -27.37 -0.75
CA PRO B 77 22.63 -26.42 0.27
C PRO B 77 22.69 -24.99 -0.27
N PRO B 78 21.72 -24.13 0.11
CA PRO B 78 21.74 -22.72 -0.29
C PRO B 78 23.11 -22.05 -0.13
N SER B 79 23.40 -21.09 -1.00
CA SER B 79 24.66 -20.35 -0.95
C SER B 79 24.68 -19.30 0.17
N THR B 80 23.47 -18.96 0.66
CA THR B 80 23.23 -17.83 1.55
C THR B 80 24.07 -17.81 2.82
N ILE B 81 24.25 -16.60 3.36
CA ILE B 81 25.02 -16.39 4.57
C ILE B 81 24.04 -16.52 5.74
N PRO B 82 24.43 -17.28 6.79
CA PRO B 82 23.50 -17.44 7.91
C PRO B 82 23.41 -16.19 8.79
N ASP B 83 22.24 -16.02 9.40
CA ASP B 83 21.99 -14.98 10.38
C ASP B 83 22.64 -15.47 11.68
N GLU B 84 23.62 -14.73 12.16
CA GLU B 84 24.32 -15.02 13.42
C GLU B 84 23.38 -15.11 14.63
N MET B 85 22.29 -14.36 14.61
CA MET B 85 21.31 -14.39 15.69
C MET B 85 20.57 -15.73 15.82
N VAL B 86 20.41 -16.47 14.71
CA VAL B 86 19.78 -17.79 14.75
C VAL B 86 20.55 -18.75 15.68
N SER B 87 21.89 -18.73 15.60
CA SER B 87 22.73 -19.53 16.50
C SER B 87 22.56 -19.12 17.96
N VAL B 88 22.47 -17.82 18.21
CA VAL B 88 22.21 -17.28 19.55
C VAL B 88 20.86 -17.77 20.12
N ILE B 89 19.81 -17.73 19.30
CA ILE B 89 18.48 -18.20 19.73
C ILE B 89 18.47 -19.70 19.97
N LEU B 90 19.12 -20.46 19.08
CA LEU B 90 19.30 -21.91 19.30
C LEU B 90 20.02 -22.19 20.63
N ASN B 91 21.09 -21.45 20.91
CA ASN B 91 21.85 -21.60 22.14
C ASN B 91 21.09 -21.17 23.38
N LYS B 92 20.55 -19.95 23.35
CA LYS B 92 20.03 -19.29 24.54
C LYS B 92 18.57 -19.62 24.84
N TYR B 93 17.75 -19.91 23.82
CA TYR B 93 16.37 -20.34 24.10
C TYR B 93 16.24 -21.87 24.17
N PHE B 94 16.65 -22.56 23.11
CA PHE B 94 16.49 -24.03 23.01
C PHE B 94 17.66 -24.88 23.59
N GLU B 95 18.65 -24.22 24.19
CA GLU B 95 19.72 -24.91 24.94
C GLU B 95 20.60 -25.84 24.08
N VAL B 96 20.84 -25.45 22.83
CA VAL B 96 21.80 -26.17 21.98
C VAL B 96 23.22 -25.73 22.39
N PRO B 97 24.09 -26.69 22.74
CA PRO B 97 25.44 -26.33 23.23
C PRO B 97 26.27 -25.54 22.24
N SER B 98 27.09 -24.63 22.77
CA SER B 98 28.06 -23.84 21.99
C SER B 98 28.77 -24.61 20.89
N GLU B 99 29.28 -25.79 21.26
CA GLU B 99 30.08 -26.62 20.37
C GLU B 99 29.30 -27.30 19.23
N GLU B 100 27.97 -27.41 19.38
CA GLU B 100 27.12 -28.02 18.37
C GLU B 100 26.42 -27.02 17.44
N LEU B 101 26.62 -25.71 17.64
CA LEU B 101 25.89 -24.67 16.91
C LEU B 101 26.22 -24.63 15.42
N GLU B 102 27.51 -24.78 15.11
CA GLU B 102 27.99 -24.84 13.73
C GLU B 102 27.41 -26.06 12.99
N LYS B 103 27.39 -27.19 13.70
CA LYS B 103 26.79 -28.43 13.21
C LYS B 103 25.29 -28.25 12.91
N ALA B 104 24.58 -27.57 13.81
CA ALA B 104 23.15 -27.26 13.63
C ALA B 104 22.92 -26.36 12.43
N GLU B 105 23.78 -25.35 12.30
CA GLU B 105 23.73 -24.41 11.19
C GLU B 105 23.86 -25.14 9.86
N GLU B 106 24.81 -26.07 9.79
CA GLU B 106 25.10 -26.80 8.55
C GLU B 106 24.02 -27.79 8.19
N TRP B 107 23.53 -28.54 9.18
CA TRP B 107 22.43 -29.47 8.97
C TRP B 107 21.14 -28.79 8.53
N HIS B 108 20.93 -27.55 8.97
CA HIS B 108 19.82 -26.69 8.52
C HIS B 108 19.96 -26.37 7.03
N ARG B 109 21.15 -25.91 6.64
CA ARG B 109 21.49 -25.68 5.24
C ARG B 109 21.28 -26.96 4.40
N LEU B 110 21.75 -28.08 4.91
CA LEU B 110 21.60 -29.35 4.20
C LEU B 110 20.15 -29.79 4.08
N SER B 111 19.35 -29.54 5.12
CA SER B 111 17.91 -29.87 5.08
C SER B 111 17.18 -29.04 4.03
N MET B 112 17.55 -27.76 3.89
CA MET B 112 16.93 -26.88 2.89
C MET B 112 17.26 -27.33 1.46
N GLY B 113 18.52 -27.72 1.23
CA GLY B 113 18.94 -28.30 -0.03
C GLY B 113 18.22 -29.61 -0.35
N ALA B 114 18.04 -30.46 0.66
CA ALA B 114 17.21 -31.65 0.52
C ALA B 114 15.75 -31.32 0.20
N GLU B 115 15.19 -30.34 0.90
CA GLU B 115 13.82 -29.87 0.62
C GLU B 115 13.69 -29.29 -0.78
N ASN B 116 14.73 -28.57 -1.21
CA ASN B 116 14.74 -27.89 -2.51
C ASN B 116 14.78 -28.83 -3.72
N ILE B 117 15.15 -30.10 -3.50
CA ILE B 117 15.21 -31.09 -4.57
C ILE B 117 14.14 -32.20 -4.51
N VAL B 118 13.46 -32.40 -3.36
CA VAL B 118 12.52 -33.53 -3.24
C VAL B 118 11.42 -33.48 -4.29
N GLY B 119 10.88 -32.29 -4.54
CA GLY B 119 9.88 -32.06 -5.59
C GLY B 119 10.33 -32.46 -6.97
N ASP B 120 11.61 -32.24 -7.27
CA ASP B 120 12.21 -32.64 -8.53
C ASP B 120 12.35 -34.15 -8.61
N LEU B 121 12.87 -34.76 -7.55
CA LEU B 121 12.98 -36.22 -7.46
C LEU B 121 11.61 -36.90 -7.58
N LEU B 122 10.59 -36.29 -7.00
CA LEU B 122 9.20 -36.77 -7.14
C LEU B 122 8.72 -36.79 -8.60
N GLU B 123 9.03 -35.73 -9.35
CA GLU B 123 8.64 -35.70 -10.77
C GLU B 123 9.36 -36.77 -11.57
N ARG B 124 10.66 -36.94 -11.30
CA ARG B 124 11.48 -37.88 -12.05
C ARG B 124 11.08 -39.32 -11.80
N TYR B 125 10.70 -39.61 -10.56
CA TYR B 125 10.19 -40.91 -10.19
C TYR B 125 8.92 -41.20 -10.98
N ILE B 126 7.94 -40.30 -10.88
CA ILE B 126 6.68 -40.42 -11.65
C ILE B 126 6.97 -40.50 -13.15
N ALA B 127 7.92 -39.69 -13.63
CA ALA B 127 8.35 -39.74 -15.05
C ALA B 127 8.84 -41.13 -15.47
N GLU B 128 9.67 -41.75 -14.64
CA GLU B 128 10.17 -43.11 -14.90
C GLU B 128 9.02 -44.13 -15.06
N VAL B 129 7.96 -43.96 -14.28
CA VAL B 129 6.88 -44.94 -14.26
C VAL B 129 5.89 -44.67 -15.39
N ILE B 130 5.34 -43.46 -15.47
CA ILE B 130 4.23 -43.18 -16.41
C ILE B 130 4.59 -42.78 -17.84
N GLU B 131 5.84 -42.35 -18.11
CA GLU B 131 6.24 -42.03 -19.50
C GLU B 131 6.23 -43.22 -20.47
N PRO B 132 6.61 -44.43 -19.99
CA PRO B 132 6.43 -45.64 -20.81
C PRO B 132 4.98 -45.92 -21.25
N HIS B 133 3.99 -45.46 -20.47
CA HIS B 133 2.58 -45.54 -20.87
C HIS B 133 2.08 -44.35 -21.72
N GLY B 134 3.00 -43.53 -22.25
CA GLY B 134 2.66 -42.44 -23.17
C GLY B 134 2.38 -41.08 -22.56
N TRP B 135 2.40 -40.99 -21.23
CA TRP B 135 2.40 -39.69 -20.56
C TRP B 135 3.73 -39.01 -20.79
N ILE B 136 3.73 -37.69 -20.67
CA ILE B 136 4.92 -36.91 -20.91
C ILE B 136 5.17 -36.00 -19.75
N TRP B 137 6.39 -36.06 -19.24
CA TRP B 137 6.85 -35.17 -18.18
C TRP B 137 7.14 -33.82 -18.79
N CYS B 138 6.45 -32.78 -18.30
CA CYS B 138 6.71 -31.41 -18.71
C CYS B 138 7.95 -30.88 -17.98
N SER B 139 9.11 -31.34 -18.41
CA SER B 139 10.38 -30.97 -17.77
C SER B 139 10.69 -29.49 -17.89
N GLY B 140 11.51 -28.98 -16.97
CA GLY B 140 11.86 -27.56 -16.93
C GLY B 140 10.69 -26.72 -16.43
N SER B 141 10.62 -25.46 -16.86
CA SER B 141 9.60 -24.51 -16.39
C SER B 141 8.89 -23.79 -17.55
N MET B 142 8.74 -24.48 -18.67
CA MET B 142 8.03 -23.92 -19.82
C MET B 142 6.51 -24.06 -19.68
N VAL B 143 6.07 -25.02 -18.86
CA VAL B 143 4.64 -25.24 -18.57
C VAL B 143 4.34 -24.74 -17.16
N ARG B 144 3.40 -23.79 -17.08
CA ARG B 144 2.97 -23.20 -15.82
C ARG B 144 2.03 -24.21 -15.16
N ALA B 145 2.31 -24.57 -13.91
CA ALA B 145 1.45 -25.42 -13.08
C ALA B 145 1.54 -26.92 -13.42
N VAL B 146 1.08 -27.28 -14.64
CA VAL B 146 0.97 -28.67 -15.08
C VAL B 146 2.35 -29.32 -15.22
N ASP B 147 2.45 -30.56 -14.78
CA ASP B 147 3.72 -31.31 -14.78
C ASP B 147 3.75 -32.51 -15.71
N PHE B 148 2.58 -33.10 -16.00
CA PHE B 148 2.48 -34.19 -16.96
C PHE B 148 1.26 -33.99 -17.85
N ILE B 149 1.30 -34.58 -19.04
CA ILE B 149 0.19 -34.50 -20.00
C ILE B 149 0.04 -35.79 -20.79
N TYR B 150 -1.14 -35.99 -21.38
CA TYR B 150 -1.45 -37.19 -22.16
C TYR B 150 -2.55 -36.93 -23.18
N CYS B 151 -2.40 -37.52 -24.37
CA CYS B 151 -3.40 -37.46 -25.44
C CYS B 151 -4.07 -38.83 -25.49
N ASP B 152 -5.22 -38.94 -24.83
CA ASP B 152 -5.92 -40.23 -24.70
C ASP B 152 -6.49 -40.70 -26.04
N SER B 153 -7.00 -41.94 -26.05
CA SER B 153 -7.51 -42.60 -27.27
C SER B 153 -8.48 -41.78 -28.15
N GLU B 154 -9.22 -40.87 -27.53
CA GLU B 154 -10.14 -39.96 -28.23
C GLU B 154 -9.57 -38.53 -28.40
N ASN B 155 -8.26 -38.39 -28.27
CA ASN B 155 -7.54 -37.11 -28.45
C ASN B 155 -8.07 -35.97 -27.57
N VAL B 156 -8.05 -36.21 -26.26
CA VAL B 156 -8.39 -35.21 -25.24
C VAL B 156 -7.20 -35.07 -24.30
N TRP B 157 -6.92 -33.85 -23.88
CA TRP B 157 -5.76 -33.55 -23.02
C TRP B 157 -6.08 -33.77 -21.55
N GLN B 158 -5.55 -34.87 -21.00
CA GLN B 158 -5.54 -35.11 -19.56
C GLN B 158 -4.27 -34.44 -19.03
N SER B 159 -4.40 -33.66 -17.96
CA SER B 159 -3.27 -32.96 -17.35
C SER B 159 -3.17 -33.26 -15.85
N LEU B 160 -1.93 -33.30 -15.35
CA LEU B 160 -1.62 -33.73 -13.97
C LEU B 160 -0.62 -32.77 -13.34
N GLN B 161 -0.94 -32.28 -12.15
CA GLN B 161 -0.15 -31.31 -11.40
C GLN B 161 0.29 -31.90 -10.05
N VAL B 162 1.59 -32.11 -9.85
CA VAL B 162 2.10 -32.77 -8.64
C VAL B 162 2.80 -31.80 -7.69
N LYS B 163 2.52 -31.98 -6.40
CA LYS B 163 3.05 -31.14 -5.33
C LYS B 163 3.60 -32.07 -4.28
N ASN B 164 4.68 -31.68 -3.60
CA ASN B 164 5.28 -32.55 -2.58
C ASN B 164 4.46 -32.55 -1.29
N ARG B 165 4.08 -31.36 -0.84
CA ARG B 165 3.20 -31.17 0.33
C ARG B 165 1.89 -30.49 -0.09
N ASP B 166 0.84 -30.71 0.69
CA ASP B 166 -0.46 -30.05 0.45
C ASP B 166 -0.38 -28.51 0.51
N ASN B 167 0.52 -28.01 1.37
CA ASN B 167 0.77 -26.57 1.53
C ASN B 167 2.10 -26.11 0.90
N THR B 168 2.60 -26.85 -0.10
CA THR B 168 3.98 -26.66 -0.57
C THR B 168 4.23 -25.22 -1.06
N GLU B 169 5.32 -24.65 -0.54
CA GLU B 169 5.52 -23.18 -0.37
C GLU B 169 4.93 -22.27 -1.45
N ASN B 170 5.30 -22.55 -2.71
CA ASN B 170 4.85 -21.77 -3.87
C ASN B 170 3.91 -22.60 -4.73
N SER B 171 2.99 -21.92 -5.41
CA SER B 171 2.08 -22.55 -6.36
C SER B 171 1.77 -21.57 -7.49
N SER B 172 1.88 -22.06 -8.74
CA SER B 172 1.57 -21.28 -9.94
C SER B 172 0.48 -22.04 -10.68
N SER B 173 -0.43 -21.30 -11.34
CA SER B 173 -1.66 -21.88 -11.88
C SER B 173 -2.01 -21.41 -13.29
N ALA B 174 -2.77 -22.22 -14.03
CA ALA B 174 -3.13 -21.92 -15.42
C ALA B 174 -4.55 -22.39 -15.72
N ALA B 175 -5.16 -21.79 -16.74
CA ALA B 175 -6.49 -22.15 -17.21
C ALA B 175 -6.42 -23.24 -18.30
N ILE B 176 -7.35 -24.18 -18.25
CA ILE B 176 -7.50 -25.19 -19.28
C ILE B 176 -8.55 -24.71 -20.28
N ARG B 177 -8.10 -24.51 -21.51
CA ARG B 177 -8.91 -24.00 -22.61
C ARG B 177 -9.62 -25.18 -23.30
N HIS B 178 -8.86 -26.23 -23.61
CA HIS B 178 -9.36 -27.43 -24.28
C HIS B 178 -8.79 -28.69 -23.61
N GLY B 179 -9.67 -29.46 -22.98
CA GLY B 179 -9.30 -30.70 -22.29
C GLY B 179 -10.14 -30.91 -21.03
N THR B 180 -9.78 -31.92 -20.24
CA THR B 180 -10.39 -32.15 -18.94
C THR B 180 -9.65 -31.31 -17.90
N PRO B 181 -10.30 -30.98 -16.76
CA PRO B 181 -9.66 -30.18 -15.69
C PRO B 181 -8.32 -30.74 -15.17
N ILE B 182 -7.52 -29.89 -14.52
CA ILE B 182 -6.20 -30.30 -14.05
C ILE B 182 -6.38 -31.21 -12.84
N LYS B 183 -6.05 -32.49 -13.00
CA LYS B 183 -5.99 -33.42 -11.87
C LYS B 183 -4.87 -32.93 -10.98
N LYS B 184 -5.22 -32.52 -9.77
CA LYS B 184 -4.25 -32.01 -8.79
C LYS B 184 -4.01 -33.10 -7.75
N TRP B 185 -2.78 -33.15 -7.24
CA TRP B 185 -2.37 -34.17 -6.29
C TRP B 185 -1.10 -33.79 -5.54
N PHE B 186 -1.06 -34.14 -4.25
CA PHE B 186 0.10 -33.93 -3.40
C PHE B 186 0.50 -35.24 -2.70
N ARG B 187 1.78 -35.35 -2.37
CA ARG B 187 2.33 -36.55 -1.78
C ARG B 187 2.08 -36.62 -0.27
N THR B 188 2.42 -35.56 0.45
CA THR B 188 2.44 -35.57 1.91
C THR B 188 1.61 -34.45 2.53
N PHE B 189 1.29 -34.61 3.80
CA PHE B 189 0.47 -33.66 4.55
C PHE B 189 1.37 -32.79 5.43
N SER B 190 1.03 -31.51 5.54
CA SER B 190 1.66 -30.61 6.50
C SER B 190 1.36 -30.97 7.97
N LYS B 191 0.09 -31.26 8.27
CA LYS B 191 -0.40 -31.38 9.65
C LYS B 191 -0.44 -32.80 10.24
N LYS B 192 -0.35 -33.83 9.41
CA LYS B 192 -0.36 -35.22 9.89
C LYS B 192 0.70 -36.08 9.21
N ARG B 193 1.06 -37.18 9.88
CA ARG B 193 2.00 -38.16 9.34
C ARG B 193 1.44 -38.93 8.14
N GLY B 194 2.33 -39.56 7.39
CA GLY B 194 1.97 -40.45 6.29
C GLY B 194 1.93 -39.78 4.93
N ASP B 195 1.39 -40.51 3.96
CA ASP B 195 1.40 -40.17 2.55
C ASP B 195 -0.02 -40.20 1.95
N ASN B 196 -0.14 -39.70 0.72
CA ASN B 196 -1.43 -39.52 0.04
C ASN B 196 -1.45 -40.23 -1.32
N TRP B 197 -0.59 -41.24 -1.48
CA TRP B 197 -0.48 -41.96 -2.74
C TRP B 197 -1.77 -42.72 -3.11
N ASP B 198 -2.60 -43.05 -2.11
CA ASP B 198 -3.90 -43.70 -2.33
C ASP B 198 -4.83 -42.93 -3.27
N LYS B 199 -4.77 -41.59 -3.21
CA LYS B 199 -5.60 -40.72 -4.07
C LYS B 199 -4.93 -40.30 -5.39
N PHE B 200 -3.82 -40.93 -5.77
CA PHE B 200 -3.15 -40.58 -7.05
C PHE B 200 -4.12 -40.79 -8.22
N PRO B 201 -4.18 -39.84 -9.17
CA PRO B 201 -5.14 -39.94 -10.28
C PRO B 201 -5.05 -41.20 -11.13
N SER B 202 -6.22 -41.65 -11.62
CA SER B 202 -6.32 -42.82 -12.48
C SER B 202 -5.66 -42.56 -13.84
N LEU B 203 -4.78 -43.48 -14.23
CA LEU B 203 -4.04 -43.42 -15.49
C LEU B 203 -3.11 -44.64 -15.55
N GLU B 204 -2.58 -44.92 -16.74
CA GLU B 204 -1.78 -46.12 -16.96
C GLU B 204 -0.47 -46.02 -16.17
N GLY B 205 -0.23 -47.01 -15.31
CA GLY B 205 0.95 -47.05 -14.44
C GLY B 205 0.73 -46.58 -13.01
N LYS B 206 -0.43 -45.96 -12.72
CA LYS B 206 -0.84 -45.63 -11.34
C LYS B 206 -0.55 -46.73 -10.31
N GLU B 207 -0.69 -47.99 -10.73
CA GLU B 207 -0.52 -49.14 -9.84
C GLU B 207 0.91 -49.35 -9.34
N ASN B 208 1.91 -48.87 -10.09
CA ASN B 208 3.32 -49.00 -9.69
C ASN B 208 3.84 -47.81 -8.86
N LEU B 209 2.97 -46.84 -8.56
CA LEU B 209 3.38 -45.64 -7.78
C LEU B 209 3.01 -45.77 -6.31
N SER B 210 4.01 -45.66 -5.45
CA SER B 210 3.81 -45.68 -4.00
C SER B 210 4.92 -44.96 -3.28
N GLU B 211 4.68 -44.72 -1.99
CA GLU B 211 5.68 -44.13 -1.10
C GLU B 211 6.93 -45.00 -0.99
N LYS B 212 6.77 -46.32 -1.08
CA LYS B 212 7.92 -47.23 -1.11
C LYS B 212 8.65 -47.23 -2.45
N GLY B 213 7.91 -47.20 -3.55
CA GLY B 213 8.52 -47.04 -4.87
C GLY B 213 9.37 -45.77 -4.97
N PHE B 214 8.84 -44.67 -4.47
CA PHE B 214 9.55 -43.40 -4.44
C PHE B 214 10.83 -43.45 -3.60
N LYS B 215 10.75 -44.02 -2.40
CA LYS B 215 11.93 -44.14 -1.51
C LYS B 215 13.05 -44.95 -2.18
N LEU B 216 12.69 -46.10 -2.72
CA LEU B 216 13.63 -46.92 -3.47
C LEU B 216 14.26 -46.13 -4.64
N TYR B 217 13.42 -45.43 -5.42
CA TYR B 217 13.91 -44.60 -6.53
C TYR B 217 14.90 -43.53 -6.06
N VAL B 218 14.58 -42.85 -4.97
CA VAL B 218 15.48 -41.84 -4.41
C VAL B 218 16.81 -42.44 -3.94
N GLU B 219 16.77 -43.56 -3.22
CA GLU B 219 18.01 -44.19 -2.72
C GLU B 219 18.93 -44.66 -3.84
N LYS B 220 18.33 -45.21 -4.90
CA LYS B 220 19.09 -45.63 -6.08
C LYS B 220 19.63 -44.43 -6.85
N TYR B 221 18.82 -43.37 -6.93
CA TYR B 221 19.24 -42.13 -7.56
C TYR B 221 20.45 -41.51 -6.87
N LEU B 222 20.40 -41.40 -5.55
CA LEU B 222 21.46 -40.77 -4.75
C LEU B 222 22.71 -41.63 -4.68
N SER B 223 22.51 -42.95 -4.61
CA SER B 223 23.61 -43.89 -4.72
C SER B 223 24.39 -43.68 -6.01
N ALA B 224 23.69 -43.54 -7.13
CA ALA B 224 24.33 -43.29 -8.43
C ALA B 224 25.04 -41.93 -8.50
N LEU B 225 24.43 -40.88 -7.94
CA LEU B 225 25.09 -39.56 -7.87
C LEU B 225 26.39 -39.63 -7.07
N ARG B 226 26.34 -40.27 -5.89
CA ARG B 226 27.53 -40.42 -5.04
C ARG B 226 28.68 -41.16 -5.73
N ALA B 227 28.34 -42.19 -6.52
CA ALA B 227 29.32 -42.93 -7.30
C ALA B 227 29.95 -42.07 -8.39
N ILE B 228 29.16 -41.22 -9.03
CA ILE B 228 29.68 -40.27 -10.02
C ILE B 228 30.63 -39.26 -9.36
N LYS B 229 30.27 -38.76 -8.17
CA LYS B 229 31.10 -37.81 -7.43
C LYS B 229 32.40 -38.44 -6.88
N ALA B 230 32.40 -39.75 -6.66
CA ALA B 230 33.61 -40.47 -6.21
C ALA B 230 34.66 -40.53 -7.31
N LEU B 231 34.23 -40.89 -8.52
CA LEU B 231 35.13 -41.02 -9.67
C LEU B 231 35.69 -39.67 -10.15
N GLU B 232 34.89 -38.60 -10.02
CA GLU B 232 35.34 -37.24 -10.37
C GLU B 232 36.48 -36.78 -9.46
N HIS B 233 36.26 -36.83 -8.14
CA HIS B 233 37.30 -36.51 -7.16
C HIS B 233 37.01 -37.20 -5.83
N SER C 3 -0.10 -9.99 3.30
CA SER C 3 -1.15 -10.92 2.78
C SER C 3 -0.66 -11.66 1.53
N LYS C 4 -0.75 -12.99 1.55
CA LYS C 4 -0.32 -13.85 0.44
C LYS C 4 -1.54 -14.36 -0.31
N PHE C 5 -1.44 -14.43 -1.64
CA PHE C 5 -2.54 -14.91 -2.48
C PHE C 5 -2.66 -16.43 -2.41
N ILE C 6 -3.88 -16.88 -2.65
CA ILE C 6 -4.25 -18.30 -2.58
C ILE C 6 -3.58 -19.06 -3.73
N GLN C 7 -3.29 -20.34 -3.52
CA GLN C 7 -2.53 -21.17 -4.48
C GLN C 7 -3.14 -21.34 -5.89
N ASN C 8 -4.46 -21.25 -5.98
CA ASN C 8 -5.21 -21.47 -7.23
C ASN C 8 -5.86 -20.17 -7.75
N ALA C 9 -5.16 -19.05 -7.51
CA ALA C 9 -5.72 -17.70 -7.72
C ALA C 9 -6.05 -17.37 -9.17
N ALA C 10 -5.13 -17.69 -10.07
CA ALA C 10 -5.32 -17.41 -11.49
C ALA C 10 -6.48 -18.20 -12.10
N GLU C 11 -6.70 -19.43 -11.63
CA GLU C 11 -7.81 -20.27 -12.11
C GLU C 11 -9.15 -19.76 -11.58
N ILE C 12 -9.16 -19.34 -10.32
CA ILE C 12 -10.33 -18.70 -9.71
C ILE C 12 -10.67 -17.41 -10.46
N ALA C 13 -9.63 -16.65 -10.82
CA ALA C 13 -9.75 -15.36 -11.52
C ALA C 13 -10.40 -15.49 -12.89
N LYS C 14 -9.86 -16.36 -13.73
CA LYS C 14 -10.44 -16.70 -15.04
C LYS C 14 -11.90 -17.11 -14.89
N LYS C 15 -12.13 -18.06 -13.99
CA LYS C 15 -13.46 -18.59 -13.64
C LYS C 15 -14.42 -17.50 -13.15
N ALA C 16 -13.91 -16.52 -12.40
CA ALA C 16 -14.70 -15.39 -11.92
C ALA C 16 -15.08 -14.45 -13.06
N MET C 17 -14.08 -14.07 -13.85
CA MET C 17 -14.25 -13.10 -14.94
C MET C 17 -14.99 -13.69 -16.15
N ASP C 18 -14.96 -15.02 -16.32
CA ASP C 18 -15.85 -15.70 -17.27
C ASP C 18 -17.35 -15.45 -16.99
N SER C 19 -17.71 -15.29 -15.71
CA SER C 19 -19.09 -14.98 -15.32
C SER C 19 -19.47 -13.56 -15.70
N VAL C 20 -18.60 -12.61 -15.38
CA VAL C 20 -18.87 -11.17 -15.58
C VAL C 20 -18.60 -10.75 -17.03
N ASP C 21 -17.38 -10.93 -17.49
CA ASP C 21 -17.00 -10.56 -18.86
C ASP C 21 -15.82 -11.39 -19.38
N PRO C 22 -16.11 -12.48 -20.13
CA PRO C 22 -15.09 -13.33 -20.77
C PRO C 22 -13.99 -12.60 -21.57
N SER C 23 -14.34 -11.50 -22.24
CA SER C 23 -13.38 -10.72 -23.03
C SER C 23 -12.29 -9.98 -22.24
N LEU C 24 -12.44 -9.91 -20.91
CA LEU C 24 -11.41 -9.38 -20.01
C LEU C 24 -10.75 -10.46 -19.15
N SER C 25 -11.04 -11.74 -19.43
CA SER C 25 -10.56 -12.84 -18.58
C SER C 25 -9.07 -13.06 -18.65
N GLU C 26 -8.47 -12.81 -19.82
CA GLU C 26 -7.03 -12.97 -20.00
C GLU C 26 -6.28 -11.81 -19.35
N LYS C 27 -6.74 -10.60 -19.61
CA LYS C 27 -6.21 -9.38 -18.97
C LYS C 27 -6.35 -9.40 -17.45
N PHE C 28 -7.51 -9.83 -16.96
CA PHE C 28 -7.76 -9.89 -15.52
C PHE C 28 -6.87 -10.93 -14.85
N THR C 29 -6.78 -12.10 -15.46
CA THR C 29 -5.94 -13.18 -14.96
C THR C 29 -4.48 -12.78 -14.79
N ILE C 30 -3.96 -11.99 -15.72
CA ILE C 30 -2.57 -11.51 -15.65
C ILE C 30 -2.38 -10.50 -14.51
N VAL C 31 -3.39 -9.68 -14.24
CA VAL C 31 -3.36 -8.75 -13.11
C VAL C 31 -3.29 -9.50 -11.78
N ILE C 32 -4.05 -10.60 -11.66
CA ILE C 32 -4.02 -11.42 -10.45
C ILE C 32 -2.66 -12.08 -10.25
N ARG C 33 -2.04 -12.56 -11.34
CA ARG C 33 -0.66 -13.08 -11.32
C ARG C 33 0.34 -12.04 -10.81
N PHE C 34 0.21 -10.83 -11.35
CA PHE C 34 1.00 -9.69 -10.90
C PHE C 34 0.87 -9.45 -9.41
N LEU C 35 -0.36 -9.44 -8.90
CA LEU C 35 -0.62 -9.21 -7.47
C LEU C 35 -0.17 -10.38 -6.62
N THR C 36 -0.20 -11.60 -7.17
CA THR C 36 0.36 -12.78 -6.51
C THR C 36 1.87 -12.61 -6.29
N ASP C 37 2.56 -12.07 -7.29
CA ASP C 37 3.98 -11.77 -7.19
C ASP C 37 4.25 -10.51 -6.37
N ASN C 38 3.36 -9.51 -6.48
CA ASN C 38 3.51 -8.21 -5.82
C ASN C 38 2.28 -7.84 -4.97
N PRO C 39 2.07 -8.55 -3.83
CA PRO C 39 0.86 -8.39 -3.03
C PRO C 39 0.73 -7.07 -2.25
N ASP C 40 1.83 -6.33 -2.10
CA ASP C 40 1.78 -4.96 -1.56
C ASP C 40 1.09 -3.98 -2.52
N ALA C 41 0.96 -4.36 -3.80
CA ALA C 41 0.18 -3.62 -4.79
C ALA C 41 -1.32 -3.97 -4.83
N ALA C 42 -1.76 -4.93 -4.02
CA ALA C 42 -3.17 -5.32 -3.96
C ALA C 42 -3.96 -4.40 -3.02
N SER C 43 -4.87 -3.62 -3.57
CA SER C 43 -5.67 -2.69 -2.76
C SER C 43 -6.87 -3.37 -2.13
N ALA C 44 -7.41 -2.73 -1.08
CA ALA C 44 -8.72 -3.05 -0.56
C ALA C 44 -9.77 -2.58 -1.57
N LEU C 45 -10.87 -3.31 -1.68
CA LEU C 45 -11.89 -3.05 -2.71
C LEU C 45 -13.03 -2.21 -2.14
N LYS C 46 -13.35 -1.11 -2.82
CA LYS C 46 -14.29 -0.08 -2.32
C LYS C 46 -15.60 -0.59 -1.73
N GLY C 47 -16.35 -1.37 -2.50
CA GLY C 47 -17.64 -1.89 -2.04
C GLY C 47 -17.56 -2.99 -0.98
N LYS C 48 -16.40 -3.64 -0.84
CA LYS C 48 -16.26 -4.84 -0.02
C LYS C 48 -14.94 -4.87 0.79
N GLU C 49 -14.73 -3.86 1.64
CA GLU C 49 -13.50 -3.75 2.44
C GLU C 49 -13.23 -4.91 3.42
N ARG C 50 -14.28 -5.62 3.84
CA ARG C 50 -14.10 -6.83 4.66
C ARG C 50 -13.40 -7.98 3.94
N SER C 51 -13.48 -8.02 2.60
CA SER C 51 -12.78 -9.03 1.80
C SER C 51 -11.28 -8.99 2.09
N ILE C 52 -10.72 -10.14 2.42
CA ILE C 52 -9.32 -10.23 2.80
C ILE C 52 -8.51 -10.32 1.51
N VAL C 53 -7.58 -9.39 1.33
CA VAL C 53 -6.63 -9.43 0.21
C VAL C 53 -5.97 -10.81 0.15
N GLY C 54 -5.97 -11.42 -1.03
CA GLY C 54 -5.38 -12.75 -1.25
C GLY C 54 -6.37 -13.89 -1.41
N THR C 55 -7.55 -13.77 -0.80
CA THR C 55 -8.52 -14.86 -0.74
C THR C 55 -9.35 -15.02 -2.03
N GLU C 56 -10.05 -16.14 -2.12
CA GLU C 56 -10.99 -16.46 -3.22
C GLU C 56 -12.05 -15.39 -3.42
N GLU C 57 -12.71 -15.00 -2.31
CA GLU C 57 -13.77 -13.99 -2.39
C GLU C 57 -13.26 -12.64 -2.86
N TYR C 58 -12.10 -12.25 -2.35
CA TYR C 58 -11.43 -11.01 -2.78
C TYR C 58 -11.17 -10.99 -4.29
N ILE C 59 -10.78 -12.14 -4.87
CA ILE C 59 -10.54 -12.25 -6.32
C ILE C 59 -11.86 -12.17 -7.12
N ILE C 60 -12.89 -12.84 -6.62
CA ILE C 60 -14.22 -12.82 -7.23
C ILE C 60 -14.79 -11.40 -7.16
N ALA C 61 -14.73 -10.82 -5.97
CA ALA C 61 -15.07 -9.41 -5.78
C ALA C 61 -14.26 -8.46 -6.69
N SER C 62 -12.95 -8.69 -6.82
CA SER C 62 -12.08 -7.85 -7.67
C SER C 62 -12.50 -7.84 -9.15
N ALA C 63 -13.00 -8.97 -9.63
CA ALA C 63 -13.36 -9.12 -11.04
C ALA C 63 -14.53 -8.23 -11.44
N THR C 64 -15.47 -8.04 -10.52
CA THR C 64 -16.57 -7.09 -10.71
C THR C 64 -16.02 -5.66 -10.69
N ASN C 65 -15.18 -5.35 -9.70
CA ASN C 65 -14.53 -4.04 -9.59
C ASN C 65 -13.75 -3.70 -10.87
N PHE C 66 -13.00 -4.68 -11.37
CA PHE C 66 -12.18 -4.54 -12.59
C PHE C 66 -12.99 -4.15 -13.82
N LYS C 67 -14.13 -4.82 -14.03
CA LYS C 67 -15.00 -4.57 -15.18
C LYS C 67 -15.70 -3.22 -15.07
N LYS C 68 -16.14 -2.88 -13.85
CA LYS C 68 -16.79 -1.57 -13.59
C LYS C 68 -15.88 -0.39 -13.94
N GLY C 69 -14.59 -0.49 -13.61
CA GLY C 69 -13.61 0.54 -13.99
C GLY C 69 -13.54 0.84 -15.48
N ARG C 70 -13.81 -0.17 -16.31
CA ARG C 70 -13.80 -0.03 -17.77
C ARG C 70 -15.12 0.42 -18.39
N ASP C 71 -16.22 0.41 -17.63
CA ASP C 71 -17.47 1.02 -18.08
C ASP C 71 -17.29 2.54 -18.24
N PRO C 72 -17.95 3.15 -19.24
CA PRO C 72 -17.70 4.57 -19.48
C PRO C 72 -18.24 5.47 -18.36
N ARG C 73 -17.62 6.62 -18.18
CA ARG C 73 -17.92 7.53 -17.08
C ARG C 73 -18.48 8.85 -17.63
N THR C 74 -19.55 9.33 -17.00
CA THR C 74 -20.19 10.56 -17.38
C THR C 74 -19.50 11.73 -16.68
N PRO C 75 -19.16 12.81 -17.42
CA PRO C 75 -18.73 14.04 -16.76
C PRO C 75 -19.88 14.63 -15.94
N LEU C 76 -19.81 14.49 -14.62
CA LEU C 76 -20.81 15.03 -13.71
C LEU C 76 -20.21 16.17 -12.90
N PRO C 77 -20.89 17.34 -12.85
CA PRO C 77 -20.45 18.37 -11.90
C PRO C 77 -20.80 17.94 -10.48
N PRO C 78 -20.06 18.45 -9.47
CA PRO C 78 -20.30 18.08 -8.07
C PRO C 78 -21.79 18.02 -7.66
N SER C 79 -22.11 17.13 -6.73
CA SER C 79 -23.45 17.05 -6.15
C SER C 79 -23.59 17.98 -4.93
N THR C 80 -22.81 19.05 -4.90
CA THR C 80 -22.82 20.05 -3.83
C THR C 80 -23.74 21.21 -4.19
N ILE C 81 -24.34 21.82 -3.17
CA ILE C 81 -25.15 23.03 -3.34
C ILE C 81 -24.17 24.21 -3.36
N PRO C 82 -24.24 25.07 -4.40
CA PRO C 82 -23.23 26.13 -4.55
C PRO C 82 -23.25 27.19 -3.44
N ASP C 83 -22.06 27.63 -3.02
CA ASP C 83 -21.89 28.61 -1.95
C ASP C 83 -22.28 29.99 -2.48
N GLU C 84 -23.18 30.67 -1.78
CA GLU C 84 -23.68 31.98 -2.22
C GLU C 84 -22.64 33.09 -2.08
N MET C 85 -21.71 32.96 -1.13
CA MET C 85 -20.69 33.98 -0.89
C MET C 85 -19.59 33.98 -1.95
N VAL C 86 -19.47 32.89 -2.72
CA VAL C 86 -18.57 32.85 -3.86
C VAL C 86 -19.04 33.87 -4.91
N SER C 87 -20.37 33.95 -5.10
CA SER C 87 -20.97 34.92 -6.01
C SER C 87 -20.83 36.36 -5.50
N VAL C 88 -20.97 36.56 -4.18
CA VAL C 88 -20.72 37.87 -3.56
C VAL C 88 -19.31 38.36 -3.88
N ILE C 89 -18.32 37.50 -3.66
CA ILE C 89 -16.91 37.85 -3.87
C ILE C 89 -16.60 38.08 -5.35
N LEU C 90 -17.18 37.28 -6.23
CA LEU C 90 -17.06 37.49 -7.68
C LEU C 90 -17.70 38.82 -8.14
N ASN C 91 -18.87 39.13 -7.57
CA ASN C 91 -19.59 40.37 -7.88
C ASN C 91 -18.90 41.62 -7.31
N LYS C 92 -18.57 41.58 -6.02
CA LYS C 92 -18.09 42.76 -5.29
C LYS C 92 -16.58 43.01 -5.41
N TYR C 93 -15.77 41.97 -5.50
CA TYR C 93 -14.32 42.16 -5.61
C TYR C 93 -13.85 42.08 -7.06
N PHE C 94 -14.19 41.00 -7.74
CA PHE C 94 -13.65 40.70 -9.07
C PHE C 94 -14.39 41.36 -10.25
N GLU C 95 -15.38 42.20 -9.97
CA GLU C 95 -16.13 42.91 -11.02
C GLU C 95 -16.67 41.93 -12.07
N VAL C 96 -17.40 40.93 -11.59
CA VAL C 96 -18.17 40.03 -12.45
C VAL C 96 -19.56 40.65 -12.56
N PRO C 97 -20.02 40.97 -13.79
CA PRO C 97 -21.38 41.49 -13.99
C PRO C 97 -22.45 40.71 -13.21
N SER C 98 -23.31 41.45 -12.50
CA SER C 98 -24.26 40.88 -11.54
C SER C 98 -25.22 39.85 -12.13
N GLU C 99 -25.75 40.16 -13.32
CA GLU C 99 -26.62 39.22 -14.06
C GLU C 99 -25.95 37.88 -14.39
N GLU C 100 -24.63 37.88 -14.59
CA GLU C 100 -23.87 36.67 -14.95
C GLU C 100 -23.34 35.84 -13.75
N LEU C 101 -23.93 36.01 -12.56
CA LEU C 101 -23.51 35.27 -11.36
C LEU C 101 -23.95 33.81 -11.38
N GLU C 102 -25.23 33.58 -11.68
CA GLU C 102 -25.77 32.22 -11.91
C GLU C 102 -24.98 31.47 -12.98
N LYS C 103 -24.62 32.20 -14.04
CA LYS C 103 -23.83 31.69 -15.16
C LYS C 103 -22.41 31.29 -14.73
N ALA C 104 -21.76 32.14 -13.93
CA ALA C 104 -20.42 31.85 -13.41
C ALA C 104 -20.44 30.66 -12.46
N GLU C 105 -21.46 30.62 -11.59
CA GLU C 105 -21.80 29.47 -10.74
C GLU C 105 -21.72 28.13 -11.50
N GLU C 106 -22.37 28.10 -12.65
CA GLU C 106 -22.56 26.87 -13.42
C GLU C 106 -21.28 26.39 -14.10
N TRP C 107 -20.58 27.30 -14.76
CA TRP C 107 -19.31 26.97 -15.43
C TRP C 107 -18.22 26.52 -14.47
N HIS C 108 -18.24 27.07 -13.25
CA HIS C 108 -17.38 26.59 -12.17
C HIS C 108 -17.73 25.13 -11.89
N ARG C 109 -19.01 24.86 -11.63
CA ARG C 109 -19.51 23.48 -11.44
C ARG C 109 -19.07 22.54 -12.56
N LEU C 110 -19.30 22.96 -13.80
CA LEU C 110 -18.92 22.16 -14.97
C LEU C 110 -17.39 22.00 -15.11
N SER C 111 -16.61 23.00 -14.71
CA SER C 111 -15.14 22.91 -14.76
C SER C 111 -14.61 21.88 -13.78
N MET C 112 -15.23 21.79 -12.61
CA MET C 112 -14.86 20.80 -11.59
C MET C 112 -15.19 19.37 -12.03
N GLY C 113 -16.28 19.22 -12.78
CA GLY C 113 -16.66 17.92 -13.34
C GLY C 113 -15.66 17.42 -14.37
N ALA C 114 -15.23 18.32 -15.25
CA ALA C 114 -14.20 18.02 -16.24
C ALA C 114 -12.90 17.62 -15.55
N GLU C 115 -12.46 18.41 -14.58
CA GLU C 115 -11.26 18.12 -13.78
C GLU C 115 -11.27 16.73 -13.15
N ASN C 116 -12.43 16.31 -12.68
CA ASN C 116 -12.57 15.02 -11.98
C ASN C 116 -12.55 13.79 -12.90
N ILE C 117 -12.68 13.97 -14.23
CA ILE C 117 -12.58 12.86 -15.18
C ILE C 117 -11.36 12.89 -16.13
N VAL C 118 -10.58 13.97 -16.12
CA VAL C 118 -9.42 14.06 -17.03
C VAL C 118 -8.47 12.89 -16.80
N GLY C 119 -8.19 12.60 -15.54
CA GLY C 119 -7.27 11.52 -15.18
C GLY C 119 -7.75 10.16 -15.64
N ASP C 120 -9.06 9.93 -15.48
CA ASP C 120 -9.67 8.71 -15.97
C ASP C 120 -9.57 8.64 -17.49
N LEU C 121 -9.85 9.75 -18.17
CA LEU C 121 -9.75 9.81 -19.63
C LEU C 121 -8.32 9.62 -20.12
N LEU C 122 -7.35 10.10 -19.34
CA LEU C 122 -5.92 9.89 -19.65
C LEU C 122 -5.58 8.40 -19.69
N GLU C 123 -5.99 7.68 -18.64
CA GLU C 123 -5.83 6.21 -18.56
C GLU C 123 -6.51 5.49 -19.72
N ARG C 124 -7.70 5.94 -20.09
CA ARG C 124 -8.44 5.38 -21.23
C ARG C 124 -7.73 5.54 -22.56
N TYR C 125 -7.15 6.73 -22.79
CA TYR C 125 -6.36 6.97 -24.00
C TYR C 125 -5.18 6.02 -24.08
N ILE C 126 -4.38 5.99 -23.01
CA ILE C 126 -3.16 5.18 -22.97
C ILE C 126 -3.50 3.70 -23.13
N ALA C 127 -4.55 3.24 -22.44
CA ALA C 127 -5.07 1.88 -22.58
C ALA C 127 -5.39 1.50 -24.04
N GLU C 128 -6.11 2.37 -24.73
CA GLU C 128 -6.44 2.11 -26.14
C GLU C 128 -5.19 1.95 -27.01
N VAL C 129 -4.20 2.81 -26.78
CA VAL C 129 -2.94 2.80 -27.54
C VAL C 129 -2.01 1.63 -27.16
N ILE C 130 -1.82 1.36 -25.86
CA ILE C 130 -0.79 0.38 -25.46
C ILE C 130 -1.27 -1.07 -25.31
N GLU C 131 -2.55 -1.29 -24.96
CA GLU C 131 -3.02 -2.66 -24.71
C GLU C 131 -2.84 -3.66 -25.85
N PRO C 132 -3.02 -3.22 -27.12
CA PRO C 132 -2.61 -4.07 -28.24
C PRO C 132 -1.17 -4.63 -28.16
N HIS C 133 -0.24 -3.85 -27.61
CA HIS C 133 1.17 -4.28 -27.45
C HIS C 133 1.43 -5.23 -26.27
N GLY C 134 0.42 -5.52 -25.45
CA GLY C 134 0.55 -6.49 -24.36
C GLY C 134 0.53 -5.91 -22.96
N TRP C 135 0.66 -4.59 -22.82
CA TRP C 135 0.47 -3.92 -21.53
C TRP C 135 -0.98 -4.07 -21.09
N ILE C 136 -1.24 -4.08 -19.77
CA ILE C 136 -2.62 -4.27 -19.27
C ILE C 136 -3.04 -3.15 -18.33
N TRP C 137 -4.14 -2.47 -18.68
CA TRP C 137 -4.74 -1.42 -17.86
C TRP C 137 -5.38 -2.02 -16.61
N CYS C 138 -4.82 -1.67 -15.45
CA CYS C 138 -5.39 -2.02 -14.16
C CYS C 138 -6.59 -1.12 -13.84
N SER C 139 -7.69 -1.37 -14.54
CA SER C 139 -8.92 -0.59 -14.38
C SER C 139 -9.52 -0.80 -13.00
N GLY C 140 -10.35 0.15 -12.56
CA GLY C 140 -10.99 0.10 -11.25
C GLY C 140 -10.01 0.49 -10.16
N SER C 141 -10.17 -0.10 -8.97
CA SER C 141 -9.41 0.28 -7.77
C SER C 141 -8.69 -0.88 -7.07
N MET C 142 -8.64 -2.04 -7.72
CA MET C 142 -8.14 -3.27 -7.10
C MET C 142 -6.61 -3.28 -6.98
N VAL C 143 -5.94 -2.54 -7.87
CA VAL C 143 -4.49 -2.41 -7.86
C VAL C 143 -4.11 -1.05 -7.28
N ARG C 144 -3.26 -1.09 -6.26
CA ARG C 144 -2.77 0.12 -5.58
C ARG C 144 -1.54 0.66 -6.29
N ALA C 145 -1.58 1.95 -6.65
CA ALA C 145 -0.39 2.70 -7.08
C ALA C 145 0.32 2.23 -8.36
N VAL C 146 -0.38 1.47 -9.18
CA VAL C 146 0.10 1.03 -10.48
C VAL C 146 -1.11 1.05 -11.38
N ASP C 147 -1.00 1.74 -12.51
CA ASP C 147 -2.09 1.86 -13.48
C ASP C 147 -1.96 0.89 -14.64
N PHE C 148 -0.73 0.45 -14.94
CA PHE C 148 -0.47 -0.41 -16.09
C PHE C 148 0.62 -1.43 -15.75
N ILE C 149 0.50 -2.63 -16.32
CA ILE C 149 1.48 -3.70 -16.09
C ILE C 149 1.89 -4.38 -17.40
N TYR C 150 3.03 -5.08 -17.36
CA TYR C 150 3.53 -5.86 -18.50
C TYR C 150 4.40 -7.02 -18.05
N CYS C 151 4.22 -8.18 -18.70
CA CYS C 151 5.07 -9.35 -18.51
C CYS C 151 5.77 -9.65 -19.84
N ASP C 152 7.09 -9.53 -19.84
CA ASP C 152 7.93 -9.62 -21.06
C ASP C 152 8.34 -11.07 -21.38
N SER C 153 9.15 -11.26 -22.41
CA SER C 153 9.77 -12.58 -22.72
C SER C 153 10.64 -13.15 -21.59
N GLU C 154 11.30 -12.26 -20.84
CA GLU C 154 12.09 -12.63 -19.65
C GLU C 154 11.27 -12.82 -18.36
N ASN C 155 9.94 -12.71 -18.45
CA ASN C 155 9.00 -13.06 -17.37
C ASN C 155 8.99 -12.09 -16.17
N VAL C 156 9.62 -10.92 -16.33
CA VAL C 156 9.77 -9.94 -15.24
C VAL C 156 8.63 -8.92 -15.34
N TRP C 157 8.13 -8.44 -14.19
CA TRP C 157 7.01 -7.49 -14.16
C TRP C 157 7.46 -6.04 -14.34
N GLN C 158 6.98 -5.42 -15.41
CA GLN C 158 7.13 -3.98 -15.66
C GLN C 158 5.86 -3.32 -15.18
N SER C 159 5.98 -2.20 -14.47
CA SER C 159 4.83 -1.48 -13.92
C SER C 159 4.92 0.02 -14.22
N LEU C 160 3.75 0.63 -14.39
CA LEU C 160 3.66 2.05 -14.75
C LEU C 160 2.56 2.75 -13.95
N GLN C 161 2.87 3.93 -13.41
CA GLN C 161 1.90 4.80 -12.72
C GLN C 161 1.82 6.12 -13.48
N VAL C 162 0.61 6.52 -13.88
CA VAL C 162 0.38 7.77 -14.62
C VAL C 162 -0.40 8.78 -13.78
N LYS C 163 0.03 10.05 -13.85
CA LYS C 163 -0.68 11.18 -13.23
C LYS C 163 -1.10 12.11 -14.35
N ASN C 164 -2.16 12.88 -14.12
CA ASN C 164 -2.51 13.95 -15.04
C ASN C 164 -1.53 15.13 -14.92
N ARG C 165 -1.15 15.48 -13.70
CA ARG C 165 -0.28 16.65 -13.48
C ARG C 165 0.88 16.34 -12.51
N ASP C 166 1.98 17.07 -12.67
CA ASP C 166 3.19 16.90 -11.83
C ASP C 166 2.90 17.15 -10.34
N ASN C 167 1.98 18.06 -10.06
CA ASN C 167 1.52 18.37 -8.69
C ASN C 167 0.28 17.57 -8.21
N THR C 168 -0.15 16.56 -8.98
CA THR C 168 -1.24 15.67 -8.56
C THR C 168 -0.72 14.84 -7.40
N GLU C 169 -1.54 14.64 -6.38
CA GLU C 169 -1.12 13.85 -5.21
C GLU C 169 -1.06 12.38 -5.58
N ASN C 170 0.10 11.76 -5.38
CA ASN C 170 0.17 10.30 -5.32
C ASN C 170 -0.58 9.93 -4.05
N SER C 171 -1.84 9.55 -4.21
CA SER C 171 -2.66 9.07 -3.10
C SER C 171 -2.05 7.80 -2.47
N SER C 172 -1.40 6.98 -3.29
CA SER C 172 -0.85 5.70 -2.84
C SER C 172 0.46 5.34 -3.52
N SER C 173 1.26 4.54 -2.81
CA SER C 173 2.45 3.89 -3.35
C SER C 173 2.47 2.44 -2.89
N ALA C 174 3.25 1.62 -3.58
CA ALA C 174 3.46 0.24 -3.16
C ALA C 174 4.84 -0.22 -3.59
N ALA C 175 5.37 -1.21 -2.88
CA ALA C 175 6.69 -1.81 -3.16
C ALA C 175 6.58 -3.03 -4.07
N ILE C 176 7.60 -3.23 -4.89
CA ILE C 176 7.69 -4.34 -5.84
C ILE C 176 8.68 -5.40 -5.34
N ARG C 177 8.20 -6.65 -5.24
CA ARG C 177 8.99 -7.80 -4.81
C ARG C 177 9.67 -8.50 -5.99
N HIS C 178 8.93 -8.64 -7.09
CA HIS C 178 9.39 -9.35 -8.28
C HIS C 178 9.17 -8.50 -9.53
N GLY C 179 10.07 -7.55 -9.75
CA GLY C 179 10.00 -6.71 -10.94
C GLY C 179 10.91 -5.51 -10.90
N THR C 180 10.89 -4.74 -11.99
CA THR C 180 11.63 -3.49 -12.06
C THR C 180 10.85 -2.43 -11.26
N PRO C 181 11.53 -1.34 -10.86
CA PRO C 181 10.79 -0.26 -10.17
C PRO C 181 9.71 0.36 -11.05
N ILE C 182 8.70 0.96 -10.42
CA ILE C 182 7.55 1.51 -11.12
C ILE C 182 7.96 2.73 -11.93
N LYS C 183 7.60 2.75 -13.21
CA LYS C 183 7.77 3.93 -14.04
C LYS C 183 6.73 4.97 -13.64
N LYS C 184 7.18 6.15 -13.21
N LYS C 184 7.20 6.13 -13.20
CA LYS C 184 6.30 7.26 -12.93
CA LYS C 184 6.36 7.30 -12.94
C LYS C 184 6.33 8.24 -14.10
C LYS C 184 6.32 8.17 -14.18
N TRP C 185 5.16 8.76 -14.46
CA TRP C 185 5.03 9.76 -15.52
C TRP C 185 3.80 10.62 -15.23
N PHE C 186 3.91 11.89 -15.59
CA PHE C 186 2.81 12.85 -15.48
C PHE C 186 2.68 13.57 -16.83
N ARG C 187 1.47 14.00 -17.16
CA ARG C 187 1.16 14.55 -18.48
C ARG C 187 1.52 16.03 -18.60
N THR C 188 1.12 16.81 -17.60
CA THR C 188 1.12 18.26 -17.70
C THR C 188 1.86 18.91 -16.53
N PHE C 189 2.22 20.18 -16.70
CA PHE C 189 2.88 20.97 -15.66
C PHE C 189 1.90 22.00 -15.11
N SER C 190 1.97 22.23 -13.80
CA SER C 190 1.20 23.29 -13.16
C SER C 190 1.85 24.66 -13.38
N LYS C 191 3.19 24.69 -13.33
CA LYS C 191 3.96 25.93 -13.48
C LYS C 191 3.99 26.45 -14.91
N LYS C 192 4.32 25.57 -15.86
CA LYS C 192 4.47 25.96 -17.28
C LYS C 192 3.38 25.34 -18.18
N ARG C 193 3.26 25.89 -19.38
CA ARG C 193 2.25 25.50 -20.35
C ARG C 193 2.81 24.45 -21.31
N GLY C 194 1.97 23.48 -21.68
CA GLY C 194 2.35 22.41 -22.60
C GLY C 194 2.50 21.06 -21.92
N ASP C 195 2.76 20.04 -22.75
CA ASP C 195 2.73 18.63 -22.34
C ASP C 195 4.12 18.06 -22.01
N ASN C 196 4.14 16.80 -21.57
CA ASN C 196 5.35 16.06 -21.19
C ASN C 196 5.39 14.66 -21.82
N TRP C 197 4.79 14.51 -23.02
CA TRP C 197 4.64 13.21 -23.67
C TRP C 197 5.95 12.62 -24.17
N ASP C 198 6.84 13.46 -24.71
CA ASP C 198 8.19 12.99 -25.10
C ASP C 198 9.02 12.42 -23.93
N LYS C 199 8.64 12.75 -22.69
CA LYS C 199 9.19 12.12 -21.48
C LYS C 199 8.43 10.85 -21.05
N PHE C 200 7.43 10.41 -21.83
CA PHE C 200 6.66 9.19 -21.51
C PHE C 200 7.63 8.00 -21.55
N PRO C 201 7.51 7.06 -20.59
CA PRO C 201 8.48 5.96 -20.49
C PRO C 201 8.66 5.15 -21.78
N SER C 202 9.85 4.59 -21.95
CA SER C 202 10.19 3.84 -23.15
C SER C 202 9.54 2.44 -23.08
N LEU C 203 8.61 2.18 -23.99
CA LEU C 203 7.87 0.91 -24.03
C LEU C 203 7.15 0.73 -25.37
N GLU C 204 6.70 -0.50 -25.63
CA GLU C 204 5.98 -0.81 -26.87
C GLU C 204 4.66 -0.04 -26.92
N GLY C 205 4.47 0.74 -27.99
CA GLY C 205 3.28 1.58 -28.16
C GLY C 205 3.52 3.05 -27.91
N LYS C 206 4.60 3.39 -27.18
CA LYS C 206 4.97 4.78 -26.87
C LYS C 206 4.98 5.70 -28.09
N GLU C 207 5.45 5.16 -29.22
CA GLU C 207 5.60 5.92 -30.47
C GLU C 207 4.29 6.51 -31.00
N ASN C 208 3.16 5.88 -30.65
CA ASN C 208 1.82 6.37 -31.03
C ASN C 208 1.24 7.46 -30.10
N LEU C 209 1.83 7.68 -28.92
CA LEU C 209 1.23 8.53 -27.86
C LEU C 209 1.60 10.02 -27.96
N SER C 210 0.58 10.88 -27.89
CA SER C 210 0.78 12.34 -27.97
C SER C 210 -0.43 13.13 -27.46
N GLU C 211 -0.23 14.44 -27.29
CA GLU C 211 -1.25 15.35 -26.76
C GLU C 211 -2.42 15.54 -27.72
N LYS C 212 -2.11 15.68 -29.01
CA LYS C 212 -3.12 15.73 -30.07
C LYS C 212 -3.95 14.45 -30.14
N GLY C 213 -3.30 13.30 -29.97
CA GLY C 213 -3.99 12.01 -29.90
C GLY C 213 -4.92 11.92 -28.70
N PHE C 214 -4.47 12.45 -27.56
CA PHE C 214 -5.27 12.50 -26.33
C PHE C 214 -6.41 13.52 -26.44
N LYS C 215 -6.16 14.62 -27.14
CA LYS C 215 -7.23 15.57 -27.50
C LYS C 215 -8.27 14.90 -28.39
N LEU C 216 -7.80 14.28 -29.48
CA LEU C 216 -8.66 13.58 -30.43
C LEU C 216 -9.43 12.43 -29.77
N TYR C 217 -8.77 11.68 -28.90
CA TYR C 217 -9.45 10.64 -28.11
C TYR C 217 -10.58 11.22 -27.24
N VAL C 218 -10.32 12.38 -26.63
CA VAL C 218 -11.31 13.06 -25.80
C VAL C 218 -12.52 13.55 -26.61
N GLU C 219 -12.24 14.17 -27.77
CA GLU C 219 -13.30 14.58 -28.71
C GLU C 219 -14.20 13.40 -29.08
N LYS C 220 -13.56 12.30 -29.46
CA LYS C 220 -14.24 11.06 -29.87
C LYS C 220 -15.10 10.45 -28.76
N TYR C 221 -14.46 10.20 -27.62
CA TYR C 221 -15.11 9.58 -26.44
C TYR C 221 -16.38 10.30 -26.00
N LEU C 222 -16.32 11.63 -25.95
CA LEU C 222 -17.47 12.46 -25.54
C LEU C 222 -18.59 12.46 -26.60
N SER C 223 -18.21 12.40 -27.88
CA SER C 223 -19.20 12.31 -28.97
C SER C 223 -19.99 11.01 -28.94
N ALA C 224 -19.31 9.91 -28.63
CA ALA C 224 -19.97 8.63 -28.37
C ALA C 224 -20.93 8.76 -27.19
N LEU C 225 -20.47 9.42 -26.13
CA LEU C 225 -21.26 9.60 -24.92
C LEU C 225 -22.45 10.55 -25.12
N ARG C 226 -22.25 11.60 -25.93
CA ARG C 226 -23.35 12.49 -26.35
C ARG C 226 -24.53 11.75 -26.98
N ALA C 227 -24.24 10.70 -27.75
CA ALA C 227 -25.26 9.86 -28.35
C ALA C 227 -26.07 9.09 -27.31
N ILE C 228 -25.40 8.59 -26.28
CA ILE C 228 -26.07 7.82 -25.21
C ILE C 228 -27.02 8.72 -24.38
N LYS C 229 -26.75 10.03 -24.36
CA LYS C 229 -27.70 11.00 -23.81
C LYS C 229 -28.85 11.25 -24.79
N ALA C 230 -28.50 11.72 -26.00
CA ALA C 230 -29.48 12.10 -27.02
C ALA C 230 -30.54 11.03 -27.26
N LEU C 231 -30.11 9.76 -27.23
CA LEU C 231 -31.02 8.63 -27.38
C LEU C 231 -31.84 8.34 -26.10
N GLU C 232 -31.26 8.59 -24.93
CA GLU C 232 -32.02 8.52 -23.66
C GLU C 232 -33.17 9.54 -23.63
N HIS C 233 -32.90 10.77 -24.08
CA HIS C 233 -33.90 11.85 -24.07
C HIS C 233 -35.00 11.67 -25.12
N HIS C 234 -34.72 10.91 -26.19
CA HIS C 234 -35.68 10.68 -27.29
C HIS C 234 -36.02 9.20 -27.58
N HIS C 235 -35.61 8.28 -26.70
CA HIS C 235 -36.09 6.88 -26.74
C HIS C 235 -36.31 6.40 -25.30
N SER D 3 7.40 18.67 21.29
CA SER D 3 7.88 20.07 21.52
C SER D 3 7.31 20.65 22.83
N LYS D 4 8.16 21.35 23.57
CA LYS D 4 7.79 21.99 24.85
C LYS D 4 8.21 23.45 24.81
N PHE D 5 7.33 24.31 25.33
CA PHE D 5 7.57 25.76 25.33
C PHE D 5 8.59 26.15 26.39
N ILE D 6 9.43 27.13 26.07
CA ILE D 6 10.35 27.73 27.06
C ILE D 6 9.58 28.35 28.22
N GLN D 7 10.21 28.39 29.40
CA GLN D 7 9.55 28.85 30.63
C GLN D 7 9.03 30.29 30.55
N ASN D 8 9.81 31.18 29.95
CA ASN D 8 9.42 32.60 29.80
C ASN D 8 8.70 32.89 28.47
N ALA D 9 7.71 32.06 28.13
CA ALA D 9 6.97 32.17 26.88
C ALA D 9 6.06 33.39 26.86
N ALA D 10 5.28 33.56 27.93
CA ALA D 10 4.34 34.69 28.06
C ALA D 10 5.02 36.05 28.04
N GLU D 11 6.24 36.13 28.60
CA GLU D 11 7.01 37.38 28.65
C GLU D 11 7.53 37.75 27.27
N ILE D 12 8.20 36.79 26.63
CA ILE D 12 8.69 36.93 25.26
C ILE D 12 7.54 37.27 24.29
N ALA D 13 6.39 36.65 24.53
CA ALA D 13 5.18 36.91 23.73
C ALA D 13 4.75 38.37 23.78
N LYS D 14 4.64 38.90 25.00
CA LYS D 14 4.29 40.31 25.25
C LYS D 14 5.30 41.25 24.59
N LYS D 15 6.58 40.98 24.84
CA LYS D 15 7.69 41.81 24.35
C LYS D 15 7.82 41.80 22.82
N ALA D 16 7.56 40.65 22.20
CA ALA D 16 7.56 40.53 20.74
C ALA D 16 6.41 41.31 20.08
N MET D 17 5.19 41.13 20.58
CA MET D 17 4.01 41.81 20.01
C MET D 17 3.95 43.32 20.32
N ASP D 18 4.58 43.75 21.41
CA ASP D 18 4.70 45.19 21.73
C ASP D 18 5.57 45.96 20.72
N SER D 19 6.43 45.25 19.99
CA SER D 19 7.18 45.86 18.88
C SER D 19 6.56 45.57 17.49
N VAL D 20 5.35 45.00 17.45
CA VAL D 20 4.66 44.66 16.21
C VAL D 20 3.30 45.40 16.19
N ASP D 21 2.43 45.08 17.14
CA ASP D 21 1.19 45.83 17.34
C ASP D 21 0.67 45.64 18.76
N PRO D 22 0.96 46.61 19.67
CA PRO D 22 0.48 46.55 21.07
C PRO D 22 -1.03 46.44 21.28
N SER D 23 -1.85 46.70 20.25
CA SER D 23 -3.29 46.39 20.33
C SER D 23 -3.57 44.90 20.36
N LEU D 24 -2.65 44.10 19.80
CA LEU D 24 -2.78 42.63 19.82
C LEU D 24 -1.98 41.93 20.92
N SER D 25 -1.24 42.68 21.74
CA SER D 25 -0.28 42.10 22.69
C SER D 25 -0.92 41.25 23.78
N GLU D 26 -2.08 41.67 24.24
CA GLU D 26 -2.80 40.96 25.29
C GLU D 26 -3.39 39.67 24.75
N LYS D 27 -4.00 39.72 23.57
CA LYS D 27 -4.62 38.55 22.95
C LYS D 27 -3.60 37.52 22.45
N PHE D 28 -2.44 38.00 22.00
CA PHE D 28 -1.35 37.12 21.57
C PHE D 28 -0.71 36.38 22.76
N THR D 29 -0.61 37.08 23.90
CA THR D 29 -0.09 36.48 25.14
C THR D 29 -0.98 35.36 25.64
N ILE D 30 -2.29 35.58 25.59
CA ILE D 30 -3.27 34.57 26.02
C ILE D 30 -3.24 33.34 25.08
N VAL D 31 -3.07 33.58 23.79
CA VAL D 31 -2.89 32.50 22.80
C VAL D 31 -1.59 31.71 23.06
N ILE D 32 -0.52 32.39 23.48
CA ILE D 32 0.75 31.72 23.86
C ILE D 32 0.57 30.93 25.17
N ARG D 33 -0.24 31.44 26.09
CA ARG D 33 -0.59 30.68 27.31
C ARG D 33 -1.32 29.37 26.96
N PHE D 34 -2.26 29.43 26.02
CA PHE D 34 -2.99 28.23 25.55
C PHE D 34 -2.03 27.17 25.02
N LEU D 35 -1.08 27.58 24.17
CA LEU D 35 -0.12 26.65 23.57
C LEU D 35 0.95 26.15 24.54
N THR D 36 1.21 26.89 25.62
CA THR D 36 2.07 26.40 26.69
C THR D 36 1.37 25.25 27.41
N ASP D 37 0.08 25.42 27.68
CA ASP D 37 -0.75 24.40 28.34
C ASP D 37 -1.29 23.33 27.37
N ASN D 38 -1.26 23.59 26.07
CA ASN D 38 -1.70 22.65 25.05
C ASN D 38 -0.69 22.59 23.88
N PRO D 39 0.57 22.20 24.17
CA PRO D 39 1.67 22.25 23.18
C PRO D 39 1.46 21.49 21.86
N ASP D 40 0.64 20.44 21.90
CA ASP D 40 0.39 19.61 20.72
C ASP D 40 -0.42 20.33 19.62
N ALA D 41 -1.25 21.30 20.02
CA ALA D 41 -2.02 22.12 19.06
C ALA D 41 -1.25 23.31 18.45
N ALA D 42 0.05 23.44 18.76
CA ALA D 42 0.91 24.43 18.12
C ALA D 42 1.39 23.91 16.77
N SER D 43 1.22 24.72 15.72
CA SER D 43 1.62 24.37 14.35
C SER D 43 2.96 25.01 13.99
N ALA D 44 3.64 24.37 13.04
CA ALA D 44 4.95 24.83 12.57
C ALA D 44 4.86 26.14 11.81
N SER D 51 11.35 26.09 11.91
CA SER D 51 11.74 26.47 13.27
C SER D 51 11.34 25.43 14.31
N ILE D 52 11.98 25.52 15.47
CA ILE D 52 11.71 24.65 16.60
C ILE D 52 10.52 25.27 17.34
N VAL D 53 9.45 24.50 17.51
CA VAL D 53 8.21 24.99 18.14
C VAL D 53 8.43 25.17 19.65
N GLY D 54 7.88 26.25 20.21
CA GLY D 54 7.97 26.56 21.64
C GLY D 54 9.12 27.48 22.06
N THR D 55 10.01 27.81 21.14
CA THR D 55 11.20 28.61 21.45
C THR D 55 10.94 30.11 21.30
N GLU D 56 11.93 30.91 21.69
CA GLU D 56 11.88 32.37 21.59
C GLU D 56 11.72 32.83 20.14
N GLU D 57 12.50 32.22 19.24
CA GLU D 57 12.48 32.51 17.81
C GLU D 57 11.08 32.25 17.23
N TYR D 58 10.48 31.12 17.62
CA TYR D 58 9.13 30.75 17.23
C TYR D 58 8.10 31.79 17.68
N ILE D 59 8.18 32.20 18.94
CA ILE D 59 7.22 33.15 19.48
C ILE D 59 7.35 34.52 18.79
N ILE D 60 8.59 34.99 18.63
CA ILE D 60 8.87 36.26 17.94
C ILE D 60 8.35 36.20 16.50
N ALA D 61 8.70 35.13 15.79
CA ALA D 61 8.20 34.87 14.44
C ALA D 61 6.68 34.82 14.38
N SER D 62 6.07 34.15 15.35
CA SER D 62 4.62 33.96 15.41
C SER D 62 3.83 35.26 15.62
N ALA D 63 4.39 36.21 16.38
CA ALA D 63 3.78 37.53 16.56
C ALA D 63 3.51 38.23 15.22
N THR D 64 4.51 38.20 14.35
CA THR D 64 4.41 38.76 13.00
C THR D 64 3.38 38.04 12.13
N ASN D 65 3.26 36.71 12.29
CA ASN D 65 2.27 35.92 11.55
C ASN D 65 0.86 36.19 12.08
N PHE D 66 0.71 36.14 13.40
CA PHE D 66 -0.56 36.43 14.08
C PHE D 66 -1.14 37.76 13.59
N LYS D 67 -0.26 38.74 13.44
CA LYS D 67 -0.60 40.09 12.98
C LYS D 67 -0.92 40.13 11.49
N LYS D 68 -0.08 39.49 10.67
CA LYS D 68 -0.33 39.28 9.24
C LYS D 68 -1.75 38.72 8.99
N GLY D 69 -2.13 37.71 9.77
CA GLY D 69 -3.47 37.12 9.73
C GLY D 69 -4.62 38.13 9.81
N ARG D 70 -4.42 39.19 10.58
CA ARG D 70 -5.43 40.25 10.74
C ARG D 70 -5.36 41.38 9.68
N ASP D 71 -4.26 41.48 8.93
CA ASP D 71 -4.15 42.44 7.82
C ASP D 71 -5.05 42.03 6.64
N PRO D 72 -5.51 43.00 5.84
CA PRO D 72 -6.36 42.70 4.69
C PRO D 72 -5.78 41.66 3.72
N ARG D 73 -6.51 40.56 3.51
CA ARG D 73 -6.11 39.53 2.57
C ARG D 73 -6.95 39.68 1.32
N THR D 74 -6.28 40.00 0.20
CA THR D 74 -6.95 40.13 -1.09
C THR D 74 -7.06 38.70 -1.65
N PRO D 75 -8.22 38.33 -2.23
CA PRO D 75 -8.30 37.01 -2.87
C PRO D 75 -7.50 36.94 -4.15
N LEU D 76 -6.74 35.87 -4.33
CA LEU D 76 -5.93 35.67 -5.53
C LEU D 76 -6.55 34.57 -6.39
N PRO D 77 -6.80 34.85 -7.69
CA PRO D 77 -7.03 33.74 -8.61
C PRO D 77 -5.71 32.99 -8.79
N PRO D 78 -5.70 31.66 -8.58
CA PRO D 78 -4.42 30.96 -8.62
C PRO D 78 -3.61 31.17 -9.89
N SER D 79 -2.29 31.30 -9.75
CA SER D 79 -1.37 31.47 -10.88
C SER D 79 -1.05 30.16 -11.61
N THR D 80 -1.67 29.05 -11.20
CA THR D 80 -1.48 27.75 -11.85
C THR D 80 -1.91 27.76 -13.32
N ILE D 81 -1.19 27.02 -14.14
CA ILE D 81 -1.52 26.89 -15.56
C ILE D 81 -2.72 25.95 -15.66
N PRO D 82 -3.80 26.40 -16.35
CA PRO D 82 -4.97 25.52 -16.46
C PRO D 82 -4.72 24.40 -17.44
N ASP D 83 -5.56 23.38 -17.37
CA ASP D 83 -5.48 22.24 -18.26
C ASP D 83 -6.32 22.61 -19.49
N GLU D 84 -5.68 22.65 -20.65
CA GLU D 84 -6.40 22.92 -21.91
C GLU D 84 -7.50 21.89 -22.15
N MET D 85 -7.26 20.66 -21.71
CA MET D 85 -8.22 19.56 -21.84
C MET D 85 -9.51 19.74 -21.02
N VAL D 86 -9.51 20.65 -20.05
CA VAL D 86 -10.73 21.00 -19.31
C VAL D 86 -11.70 21.72 -20.25
N SER D 87 -11.21 22.76 -20.91
CA SER D 87 -12.01 23.50 -21.88
C SER D 87 -12.47 22.62 -23.04
N VAL D 88 -11.62 21.67 -23.45
CA VAL D 88 -12.00 20.68 -24.47
C VAL D 88 -13.20 19.85 -24.01
N ILE D 89 -13.21 19.42 -22.74
CA ILE D 89 -14.36 18.69 -22.19
C ILE D 89 -15.62 19.58 -22.09
N LEU D 90 -15.44 20.88 -21.82
CA LEU D 90 -16.56 21.83 -21.76
C LEU D 90 -17.16 22.10 -23.13
N ASN D 91 -16.30 22.41 -24.10
CA ASN D 91 -16.71 22.78 -25.45
C ASN D 91 -17.45 21.67 -26.21
N LYS D 92 -17.03 20.42 -25.99
CA LYS D 92 -17.52 19.28 -26.77
C LYS D 92 -18.66 18.50 -26.10
N TYR D 93 -18.69 18.43 -24.78
CA TYR D 93 -19.77 17.72 -24.05
C TYR D 93 -20.86 18.66 -23.51
N PHE D 94 -20.45 19.68 -22.76
CA PHE D 94 -21.40 20.59 -22.08
C PHE D 94 -21.97 21.76 -22.92
N GLU D 95 -21.73 21.75 -24.23
CA GLU D 95 -22.32 22.73 -25.16
C GLU D 95 -21.83 24.18 -24.92
N VAL D 96 -20.66 24.33 -24.31
CA VAL D 96 -20.11 25.67 -24.05
C VAL D 96 -19.55 26.24 -25.37
N PRO D 97 -19.96 27.47 -25.75
CA PRO D 97 -19.42 28.05 -26.99
C PRO D 97 -17.94 28.42 -26.89
N SER D 98 -17.25 28.36 -28.03
CA SER D 98 -15.80 28.58 -28.07
C SER D 98 -15.35 29.97 -27.63
N GLU D 99 -16.12 31.01 -27.96
CA GLU D 99 -15.78 32.39 -27.54
C GLU D 99 -15.92 32.63 -26.03
N GLU D 100 -16.78 31.86 -25.36
CA GLU D 100 -16.95 31.93 -23.90
C GLU D 100 -15.98 31.02 -23.10
N LEU D 101 -15.01 30.40 -23.77
CA LEU D 101 -14.05 29.50 -23.10
C LEU D 101 -13.03 30.27 -22.25
N GLU D 102 -12.41 31.30 -22.83
CA GLU D 102 -11.46 32.14 -22.09
C GLU D 102 -12.14 32.84 -20.89
N LYS D 103 -13.43 33.13 -21.01
CA LYS D 103 -14.22 33.67 -19.91
C LYS D 103 -14.49 32.59 -18.85
N ALA D 104 -14.89 31.40 -19.31
CA ALA D 104 -15.18 30.26 -18.42
C ALA D 104 -13.93 29.73 -17.70
N GLU D 105 -12.82 29.67 -18.42
CA GLU D 105 -11.51 29.32 -17.85
C GLU D 105 -11.06 30.37 -16.82
N GLU D 106 -11.36 31.64 -17.08
CA GLU D 106 -11.01 32.74 -16.18
C GLU D 106 -11.88 32.78 -14.93
N TRP D 107 -13.20 32.70 -15.12
CA TRP D 107 -14.15 32.68 -14.00
C TRP D 107 -14.01 31.45 -13.09
N HIS D 108 -13.59 30.31 -13.66
CA HIS D 108 -13.24 29.13 -12.86
C HIS D 108 -12.09 29.42 -11.87
N ARG D 109 -11.02 30.06 -12.36
CA ARG D 109 -9.92 30.53 -11.50
C ARG D 109 -10.40 31.49 -10.40
N LEU D 110 -11.28 32.43 -10.77
CA LEU D 110 -11.82 33.41 -9.82
C LEU D 110 -12.65 32.76 -8.72
N SER D 111 -13.45 31.77 -9.10
CA SER D 111 -14.28 31.03 -8.14
C SER D 111 -13.43 30.23 -7.15
N MET D 112 -12.34 29.63 -7.63
CA MET D 112 -11.35 28.97 -6.75
C MET D 112 -10.61 29.98 -5.86
N GLY D 113 -10.37 31.18 -6.37
CA GLY D 113 -9.87 32.28 -5.55
C GLY D 113 -10.88 32.72 -4.51
N ALA D 114 -12.15 32.77 -4.89
CA ALA D 114 -13.23 33.13 -3.97
C ALA D 114 -13.38 32.10 -2.85
N GLU D 115 -13.42 30.82 -3.21
CA GLU D 115 -13.50 29.73 -2.24
C GLU D 115 -12.34 29.73 -1.25
N ASN D 116 -11.13 30.01 -1.73
CA ASN D 116 -9.92 30.01 -0.89
C ASN D 116 -9.93 31.01 0.28
N ILE D 117 -10.74 32.08 0.19
CA ILE D 117 -10.83 33.09 1.26
C ILE D 117 -12.13 33.10 2.09
N VAL D 118 -13.19 32.40 1.68
CA VAL D 118 -14.48 32.49 2.42
C VAL D 118 -14.27 32.08 3.88
N GLY D 119 -13.61 30.93 4.07
CA GLY D 119 -13.21 30.46 5.39
C GLY D 119 -12.40 31.48 6.18
N ASP D 120 -11.49 32.18 5.49
CA ASP D 120 -10.73 33.28 6.11
C ASP D 120 -11.65 34.40 6.59
N LEU D 121 -12.49 34.90 5.68
CA LEU D 121 -13.50 35.93 6.01
C LEU D 121 -14.50 35.49 7.10
N LEU D 122 -14.82 34.20 7.15
CA LEU D 122 -15.75 33.66 8.15
C LEU D 122 -15.19 33.80 9.55
N GLU D 123 -13.89 33.52 9.70
CA GLU D 123 -13.20 33.70 10.98
C GLU D 123 -13.08 35.17 11.36
N ARG D 124 -12.84 36.03 10.36
CA ARG D 124 -12.78 37.48 10.57
C ARG D 124 -14.11 38.01 11.07
N TYR D 125 -15.20 37.61 10.41
CA TYR D 125 -16.54 38.02 10.82
C TYR D 125 -16.84 37.59 12.27
N ILE D 126 -16.59 36.33 12.57
CA ILE D 126 -16.82 35.82 13.92
C ILE D 126 -15.93 36.54 14.96
N ALA D 127 -14.68 36.81 14.60
CA ALA D 127 -13.76 37.60 15.46
C ALA D 127 -14.28 39.00 15.76
N GLU D 128 -14.88 39.63 14.75
CA GLU D 128 -15.47 40.97 14.89
C GLU D 128 -16.59 40.97 15.95
N VAL D 129 -17.33 39.87 16.05
CA VAL D 129 -18.43 39.76 17.02
C VAL D 129 -17.98 39.30 18.42
N ILE D 130 -17.28 38.17 18.50
CA ILE D 130 -17.02 37.50 19.80
C ILE D 130 -15.80 38.02 20.61
N GLU D 131 -14.84 38.66 19.95
CA GLU D 131 -13.62 39.13 20.64
C GLU D 131 -13.83 40.18 21.74
N PRO D 132 -14.70 41.18 21.51
CA PRO D 132 -14.98 42.16 22.58
C PRO D 132 -15.57 41.57 23.87
N HIS D 133 -16.15 40.36 23.79
CA HIS D 133 -16.61 39.60 24.96
C HIS D 133 -15.61 38.49 25.35
N GLY D 134 -14.32 38.79 25.36
CA GLY D 134 -13.32 37.90 25.95
C GLY D 134 -12.72 36.79 25.10
N TRP D 135 -13.46 36.28 24.11
CA TRP D 135 -12.94 35.26 23.20
C TRP D 135 -11.79 35.82 22.34
N ILE D 136 -11.00 34.92 21.72
CA ILE D 136 -9.80 35.34 20.97
C ILE D 136 -9.67 34.56 19.67
N TRP D 137 -9.66 35.27 18.53
CA TRP D 137 -9.41 34.66 17.22
C TRP D 137 -7.93 34.36 17.04
N CYS D 138 -7.60 33.11 16.74
CA CYS D 138 -6.23 32.68 16.53
C CYS D 138 -5.86 32.95 15.08
N SER D 139 -5.60 34.23 14.80
CA SER D 139 -5.29 34.68 13.44
C SER D 139 -3.92 34.14 13.03
N GLY D 140 -3.75 33.95 11.72
CA GLY D 140 -2.58 33.25 11.19
C GLY D 140 -2.63 31.75 11.45
N SER D 141 -1.48 31.10 11.27
CA SER D 141 -1.36 29.64 11.26
C SER D 141 -0.48 29.08 12.40
N MET D 142 -0.57 29.71 13.57
CA MET D 142 0.11 29.23 14.79
C MET D 142 -0.50 27.96 15.32
N VAL D 143 -1.82 27.83 15.17
CA VAL D 143 -2.61 26.80 15.83
C VAL D 143 -3.10 25.77 14.81
N ARG D 144 -3.31 24.54 15.28
CA ARG D 144 -3.75 23.44 14.42
C ARG D 144 -5.22 23.11 14.68
N ALA D 145 -6.08 23.54 13.76
CA ALA D 145 -7.52 23.24 13.78
C ALA D 145 -8.25 23.69 15.07
N VAL D 146 -7.78 24.78 15.66
CA VAL D 146 -8.50 25.48 16.74
C VAL D 146 -8.42 26.96 16.39
N ASP D 147 -9.58 27.59 16.26
CA ASP D 147 -9.69 28.95 15.70
C ASP D 147 -10.06 30.04 16.70
N PHE D 148 -10.78 29.69 17.77
CA PHE D 148 -11.18 30.66 18.80
C PHE D 148 -11.03 30.05 20.19
N ILE D 149 -10.53 30.86 21.15
CA ILE D 149 -10.28 30.41 22.53
C ILE D 149 -10.90 31.37 23.55
N TYR D 150 -11.14 30.87 24.77
CA TYR D 150 -11.74 31.66 25.87
C TYR D 150 -11.44 31.05 27.24
N CYS D 151 -10.94 31.87 28.16
CA CYS D 151 -10.75 31.48 29.55
C CYS D 151 -11.95 31.99 30.34
N ASP D 152 -12.84 31.07 30.71
CA ASP D 152 -14.08 31.41 31.42
C ASP D 152 -13.86 31.60 32.94
N SER D 153 -14.93 31.78 33.70
CA SER D 153 -14.85 32.10 35.14
C SER D 153 -14.04 31.11 36.00
N GLU D 154 -14.05 29.83 35.64
CA GLU D 154 -13.33 28.79 36.40
C GLU D 154 -11.90 28.51 35.88
N ASN D 155 -11.37 29.37 35.01
CA ASN D 155 -10.01 29.24 34.44
C ASN D 155 -9.87 27.98 33.54
N VAL D 156 -10.94 27.62 32.85
CA VAL D 156 -10.96 26.46 31.94
C VAL D 156 -10.79 26.96 30.50
N TRP D 157 -9.93 26.29 29.73
CA TRP D 157 -9.71 26.64 28.32
C TRP D 157 -10.85 26.15 27.44
N GLN D 158 -11.86 27.01 27.26
CA GLN D 158 -12.90 26.78 26.25
C GLN D 158 -12.32 27.15 24.90
N SER D 159 -12.51 26.29 23.89
CA SER D 159 -12.05 26.57 22.53
C SER D 159 -13.07 26.13 21.48
N LEU D 160 -12.85 26.55 20.23
CA LEU D 160 -13.82 26.37 19.15
C LEU D 160 -13.14 26.24 17.78
N GLN D 161 -13.59 25.27 16.99
CA GLN D 161 -13.15 25.10 15.60
C GLN D 161 -14.30 25.38 14.65
N VAL D 162 -14.09 26.27 13.68
CA VAL D 162 -15.08 26.56 12.63
C VAL D 162 -14.52 26.21 11.25
N LYS D 163 -15.40 25.75 10.37
CA LYS D 163 -15.10 25.55 8.95
C LYS D 163 -16.23 26.16 8.12
N ASN D 164 -16.03 26.24 6.80
CA ASN D 164 -17.03 26.81 5.89
C ASN D 164 -18.13 25.80 5.58
N ARG D 165 -17.74 24.61 5.12
CA ARG D 165 -18.69 23.55 4.74
C ARG D 165 -18.66 22.39 5.72
N ASP D 166 -19.72 21.58 5.70
CA ASP D 166 -19.82 20.37 6.54
C ASP D 166 -19.00 19.18 6.02
N ASN D 167 -18.47 19.29 4.80
CA ASN D 167 -17.47 18.34 4.28
C ASN D 167 -16.10 19.01 4.08
N THR D 168 -15.82 20.07 4.85
CA THR D 168 -14.53 20.74 4.84
C THR D 168 -13.53 19.88 5.62
N GLU D 169 -12.35 19.69 5.04
CA GLU D 169 -11.35 18.78 5.59
C GLU D 169 -10.77 19.29 6.92
N ASN D 170 -10.89 18.44 7.95
CA ASN D 170 -10.20 18.62 9.22
C ASN D 170 -8.82 17.98 9.08
N SER D 171 -7.87 18.38 9.91
CA SER D 171 -6.52 17.79 9.90
C SER D 171 -5.85 17.86 11.27
N SER D 172 -5.06 16.82 11.59
CA SER D 172 -4.04 16.86 12.65
C SER D 172 -4.51 17.41 14.00
N SER D 173 -5.77 17.15 14.33
CA SER D 173 -6.50 17.88 15.36
C SER D 173 -6.63 17.13 16.68
N ALA D 174 -7.38 17.74 17.62
CA ALA D 174 -7.93 17.05 18.79
C ALA D 174 -6.91 16.75 19.90
N ALA D 175 -7.41 16.15 20.99
CA ALA D 175 -6.64 15.85 22.21
C ALA D 175 -6.22 17.12 22.96
N ILE D 176 -7.18 17.72 23.64
CA ILE D 176 -6.96 18.90 24.49
C ILE D 176 -6.38 18.44 25.83
N ARG D 177 -5.22 18.96 26.19
CA ARG D 177 -4.54 18.60 27.44
C ARG D 177 -5.20 19.31 28.62
N HIS D 178 -5.24 20.64 28.56
CA HIS D 178 -5.84 21.49 29.59
C HIS D 178 -7.13 22.11 29.02
N GLY D 179 -8.26 21.87 29.68
CA GLY D 179 -9.56 22.42 29.26
C GLY D 179 -10.56 21.37 28.78
N THR D 180 -11.60 21.84 28.09
CA THR D 180 -12.69 21.00 27.59
C THR D 180 -12.41 20.54 26.15
N PRO D 181 -13.24 19.62 25.60
CA PRO D 181 -13.07 19.26 24.18
C PRO D 181 -13.38 20.42 23.22
N ILE D 182 -12.87 20.31 21.99
CA ILE D 182 -13.09 21.34 20.98
C ILE D 182 -14.51 21.23 20.44
N LYS D 183 -15.27 22.30 20.59
CA LYS D 183 -16.62 22.41 20.04
C LYS D 183 -16.47 22.72 18.56
N LYS D 184 -16.94 21.83 17.70
CA LYS D 184 -16.83 22.01 16.24
C LYS D 184 -18.08 22.69 15.68
N TRP D 185 -17.94 23.26 14.48
CA TRP D 185 -19.04 23.93 13.79
C TRP D 185 -18.72 24.13 12.30
N PHE D 186 -19.78 24.23 11.49
CA PHE D 186 -19.67 24.57 10.06
C PHE D 186 -20.73 25.62 9.68
N ARG D 187 -20.50 26.35 8.58
CA ARG D 187 -21.43 27.40 8.12
C ARG D 187 -22.49 26.85 7.17
N THR D 188 -22.05 26.21 6.08
CA THR D 188 -22.95 25.77 5.01
C THR D 188 -23.03 24.25 4.89
N PHE D 189 -24.24 23.75 4.62
CA PHE D 189 -24.45 22.35 4.30
C PHE D 189 -24.04 22.15 2.85
N SER D 190 -23.42 21.01 2.58
CA SER D 190 -22.99 20.65 1.23
C SER D 190 -24.19 20.20 0.39
N LYS D 191 -25.16 19.55 1.03
CA LYS D 191 -26.27 18.90 0.34
C LYS D 191 -27.66 19.53 0.58
N LYS D 192 -27.71 20.75 1.14
CA LYS D 192 -28.97 21.50 1.21
C LYS D 192 -28.78 23.01 1.33
N ARG D 193 -29.78 23.75 0.85
CA ARG D 193 -29.86 25.20 1.05
C ARG D 193 -30.13 25.53 2.52
N GLY D 194 -30.04 26.81 2.86
CA GLY D 194 -30.20 27.26 4.24
C GLY D 194 -28.89 27.13 5.00
N ASP D 195 -28.76 27.96 6.03
CA ASP D 195 -27.51 28.09 6.78
C ASP D 195 -27.57 27.41 8.14
N ASN D 196 -26.40 27.11 8.69
CA ASN D 196 -26.26 26.37 9.94
C ASN D 196 -26.04 27.30 11.15
N TRP D 197 -26.28 28.61 11.01
CA TRP D 197 -26.00 29.56 12.10
C TRP D 197 -26.83 29.32 13.37
N ASP D 198 -28.01 28.70 13.24
CA ASP D 198 -28.84 28.32 14.39
C ASP D 198 -28.14 27.37 15.37
N LYS D 199 -27.28 26.49 14.86
CA LYS D 199 -26.50 25.55 15.67
C LYS D 199 -25.08 26.03 16.02
N PHE D 200 -24.87 27.35 16.08
CA PHE D 200 -23.60 27.92 16.57
C PHE D 200 -23.51 27.67 18.07
N PRO D 201 -22.37 27.14 18.57
CA PRO D 201 -22.18 26.95 20.01
C PRO D 201 -22.55 28.17 20.84
N SER D 202 -23.24 27.94 21.95
CA SER D 202 -23.82 29.02 22.75
C SER D 202 -22.73 29.83 23.47
N LEU D 203 -22.67 31.13 23.20
CA LEU D 203 -21.64 32.01 23.78
C LEU D 203 -22.01 33.49 23.69
N GLU D 204 -21.22 34.34 24.36
CA GLU D 204 -21.51 35.78 24.46
C GLU D 204 -21.30 36.44 23.10
N GLY D 205 -22.39 36.91 22.51
CA GLY D 205 -22.36 37.48 21.16
C GLY D 205 -22.83 36.54 20.05
N LYS D 206 -23.34 35.35 20.41
CA LYS D 206 -24.06 34.50 19.43
C LYS D 206 -25.30 35.22 18.87
N GLU D 207 -25.87 36.13 19.65
CA GLU D 207 -27.09 36.86 19.29
C GLU D 207 -26.90 37.76 18.06
N ASN D 208 -25.66 38.21 17.82
CA ASN D 208 -25.32 39.10 16.70
C ASN D 208 -24.72 38.36 15.51
N LEU D 209 -24.57 37.04 15.61
CA LEU D 209 -24.00 36.21 14.54
C LEU D 209 -25.12 35.63 13.69
N SER D 210 -24.92 35.64 12.36
CA SER D 210 -25.95 35.21 11.40
C SER D 210 -25.42 35.29 9.96
N GLU D 211 -26.16 34.67 9.03
CA GLU D 211 -25.81 34.68 7.61
C GLU D 211 -25.93 36.07 6.98
N LYS D 212 -26.93 36.84 7.41
CA LYS D 212 -27.14 38.20 6.92
C LYS D 212 -26.03 39.12 7.44
N GLY D 213 -25.68 38.94 8.71
CA GLY D 213 -24.53 39.61 9.32
C GLY D 213 -23.21 39.25 8.66
N PHE D 214 -23.05 37.99 8.27
CA PHE D 214 -21.87 37.54 7.52
C PHE D 214 -21.85 38.12 6.11
N LYS D 215 -23.01 38.21 5.48
CA LYS D 215 -23.11 38.81 4.14
C LYS D 215 -22.78 40.30 4.14
N LEU D 216 -23.22 41.02 5.18
CA LEU D 216 -22.90 42.44 5.32
C LEU D 216 -21.40 42.65 5.60
N TYR D 217 -20.83 41.84 6.49
CA TYR D 217 -19.39 41.93 6.80
C TYR D 217 -18.52 41.79 5.55
N VAL D 218 -18.89 40.85 4.69
CA VAL D 218 -18.14 40.57 3.46
C VAL D 218 -18.25 41.70 2.44
N GLU D 219 -19.46 42.21 2.21
CA GLU D 219 -19.69 43.31 1.25
C GLU D 219 -18.95 44.61 1.64
N LYS D 220 -18.88 44.90 2.93
CA LYS D 220 -18.08 46.03 3.44
C LYS D 220 -16.59 45.78 3.26
N TYR D 221 -16.15 44.60 3.67
CA TYR D 221 -14.74 44.20 3.62
C TYR D 221 -14.17 44.30 2.21
N LEU D 222 -14.94 43.82 1.25
CA LEU D 222 -14.54 43.90 -0.15
C LEU D 222 -14.54 45.33 -0.69
N SER D 223 -15.51 46.14 -0.25
CA SER D 223 -15.54 47.58 -0.61
C SER D 223 -14.26 48.28 -0.18
N ALA D 224 -13.79 47.99 1.02
CA ALA D 224 -12.54 48.54 1.54
C ALA D 224 -11.32 48.00 0.79
N LEU D 225 -11.30 46.71 0.49
CA LEU D 225 -10.24 46.09 -0.32
C LEU D 225 -10.22 46.55 -1.78
N ARG D 226 -11.39 46.91 -2.33
CA ARG D 226 -11.43 47.60 -3.63
C ARG D 226 -10.65 48.92 -3.55
N ALA D 227 -11.02 49.73 -2.55
CA ALA D 227 -10.45 51.07 -2.36
C ALA D 227 -8.94 51.08 -2.01
N ILE D 228 -8.44 50.03 -1.36
CA ILE D 228 -7.00 49.91 -1.07
C ILE D 228 -6.21 49.58 -2.35
N LYS D 229 -6.66 48.57 -3.08
CA LYS D 229 -6.05 48.10 -4.33
C LYS D 229 -5.71 49.20 -5.35
N ALA D 230 -6.64 50.13 -5.57
CA ALA D 230 -6.48 51.17 -6.59
C ALA D 230 -5.48 52.28 -6.24
N LEU D 231 -5.00 52.33 -5.00
CA LEU D 231 -4.06 53.36 -4.55
C LEU D 231 -2.63 52.99 -4.91
#